data_2F40
#
_entry.id   2F40
#
_cell.length_a   1.000
_cell.length_b   1.000
_cell.length_c   1.000
_cell.angle_alpha   90.00
_cell.angle_beta   90.00
_cell.angle_gamma   90.00
#
_symmetry.space_group_name_H-M   'P 1'
#
_entity_poly.entity_id   1
_entity_poly.type   'polypeptide(L)'
_entity_poly.pdbx_seq_one_letter_code
;AHHHHHHGSKWIKFTTNLTPEEAKIVQYELSTRDEFYRVFINPYAKVAEVVIDDSKVNIEELKEKLKGEVIEEKEITLQE
LIEGSLSWNNVLRSKA
;
_entity_poly.pdbx_strand_id   A
#
# COMPACT_ATOMS: atom_id res chain seq x y z
N SER A 9 -6.10 -10.41 -7.58
CA SER A 9 -5.91 -9.66 -6.35
C SER A 9 -4.42 -9.39 -6.25
N LYS A 10 -3.94 -8.96 -5.09
CA LYS A 10 -2.53 -8.77 -4.87
C LYS A 10 -2.38 -9.11 -3.44
N TRP A 11 -1.29 -9.60 -3.02
CA TRP A 11 -1.01 -9.71 -1.59
C TRP A 11 0.34 -9.12 -1.42
N ILE A 12 0.33 -7.95 -0.89
CA ILE A 12 1.51 -7.17 -0.67
C ILE A 12 1.56 -6.95 0.81
N LYS A 13 2.71 -6.73 1.37
CA LYS A 13 2.81 -6.45 2.77
C LYS A 13 2.82 -4.90 2.97
N PHE A 14 3.39 -4.44 4.10
CA PHE A 14 3.46 -3.01 4.47
C PHE A 14 4.12 -2.92 5.91
N THR A 15 3.87 -1.85 6.52
CA THR A 15 4.40 -1.40 7.73
C THR A 15 3.42 -1.81 8.84
N THR A 16 3.94 -2.36 9.92
CA THR A 16 3.11 -2.93 10.98
C THR A 16 3.37 -2.06 12.19
N ASN A 17 2.62 -1.02 12.36
CA ASN A 17 3.07 0.01 13.24
C ASN A 17 2.00 0.98 13.68
N LEU A 18 1.69 1.86 12.79
CA LEU A 18 0.92 3.00 13.08
C LEU A 18 -0.39 2.97 12.35
N THR A 19 -1.42 2.79 13.15
CA THR A 19 -2.76 2.94 12.76
C THR A 19 -2.96 4.14 11.84
N PRO A 20 -2.50 5.37 12.19
CA PRO A 20 -2.52 6.38 11.21
C PRO A 20 -1.25 6.37 10.28
N GLU A 21 -1.03 5.25 9.63
CA GLU A 21 0.04 5.00 8.65
C GLU A 21 -0.51 4.00 7.67
N GLU A 22 -1.08 2.91 8.17
CA GLU A 22 -1.98 2.05 7.36
C GLU A 22 -3.25 2.85 6.89
N ALA A 23 -3.29 4.13 7.29
CA ALA A 23 -4.25 5.10 6.88
C ALA A 23 -3.65 5.97 5.75
N LYS A 24 -2.36 6.36 5.88
CA LYS A 24 -1.68 7.21 4.89
C LYS A 24 -1.62 6.56 3.50
N ILE A 25 -1.50 5.23 3.49
CA ILE A 25 -1.48 4.40 2.28
C ILE A 25 -2.73 4.63 1.44
N VAL A 26 -3.84 4.97 2.06
CA VAL A 26 -5.07 5.17 1.35
C VAL A 26 -4.95 6.42 0.47
N GLN A 27 -4.27 7.45 0.96
CA GLN A 27 -4.10 8.68 0.20
C GLN A 27 -3.07 8.48 -0.94
N TYR A 28 -2.02 7.74 -0.65
CA TYR A 28 -0.99 7.52 -1.67
C TYR A 28 -1.56 6.81 -2.91
N GLU A 29 -2.24 5.73 -2.66
CA GLU A 29 -2.97 4.99 -3.67
C GLU A 29 -4.35 5.60 -4.06
N LEU A 30 -4.65 6.72 -3.46
CA LEU A 30 -5.87 7.50 -3.75
C LEU A 30 -5.66 8.15 -5.11
N SER A 31 -4.49 8.70 -5.36
CA SER A 31 -4.11 9.18 -6.71
C SER A 31 -4.35 8.14 -7.86
N THR A 32 -4.29 6.88 -7.52
CA THR A 32 -4.41 5.70 -8.41
C THR A 32 -5.94 5.44 -8.86
N ARG A 33 -6.72 6.50 -8.70
CA ARG A 33 -8.22 6.54 -8.73
C ARG A 33 -8.95 5.48 -9.64
N ASP A 34 -9.01 5.72 -10.97
CA ASP A 34 -9.83 4.88 -11.95
C ASP A 34 -9.26 3.45 -12.22
N GLU A 35 -8.49 2.96 -11.31
CA GLU A 35 -7.70 1.72 -11.48
C GLU A 35 -7.48 1.01 -10.16
N PHE A 36 -7.23 1.77 -9.17
CA PHE A 36 -7.27 1.35 -7.77
C PHE A 36 -8.71 0.97 -7.47
N TYR A 37 -8.94 -0.24 -6.98
CA TYR A 37 -10.29 -0.68 -6.82
C TYR A 37 -10.57 -1.25 -5.40
N ARG A 38 -10.80 -2.56 -5.30
CA ARG A 38 -11.07 -3.21 -4.02
C ARG A 38 -9.90 -3.10 -3.05
N VAL A 39 -10.12 -2.44 -1.94
CA VAL A 39 -9.08 -2.17 -0.96
C VAL A 39 -9.45 -2.78 0.36
N PHE A 40 -8.51 -3.45 1.02
CA PHE A 40 -8.68 -3.90 2.38
C PHE A 40 -7.32 -3.72 3.05
N ILE A 41 -7.26 -2.82 4.00
CA ILE A 41 -6.03 -2.56 4.76
C ILE A 41 -6.41 -2.63 6.21
N ASN A 42 -5.49 -2.93 7.12
CA ASN A 42 -5.91 -3.01 8.50
C ASN A 42 -5.19 -2.04 9.44
N PRO A 43 -5.67 -0.75 9.49
CA PRO A 43 -5.08 0.34 10.32
C PRO A 43 -5.63 0.24 11.73
N TYR A 44 -5.42 -0.91 12.23
CA TYR A 44 -5.95 -1.36 13.46
C TYR A 44 -5.14 -2.53 13.94
N ALA A 45 -4.62 -3.26 13.00
CA ALA A 45 -4.08 -4.51 13.33
C ALA A 45 -2.58 -4.65 13.23
N LYS A 46 -1.77 -3.66 12.65
CA LYS A 46 -0.29 -3.76 12.60
C LYS A 46 0.10 -5.03 11.90
N VAL A 47 -0.72 -5.40 10.95
CA VAL A 47 -0.57 -6.62 10.19
C VAL A 47 0.17 -6.31 8.94
N ALA A 48 -0.43 -5.41 8.13
CA ALA A 48 0.14 -4.96 6.93
C ALA A 48 0.30 -6.08 5.95
N GLU A 49 -0.83 -6.55 5.50
CA GLU A 49 -0.92 -7.48 4.44
C GLU A 49 -2.07 -6.93 3.68
N VAL A 50 -1.89 -6.69 2.45
CA VAL A 50 -2.93 -6.09 1.70
C VAL A 50 -3.24 -6.90 0.50
N VAL A 51 -4.49 -7.34 0.46
CA VAL A 51 -4.99 -7.99 -0.68
C VAL A 51 -5.86 -6.96 -1.35
N ILE A 52 -5.41 -6.51 -2.46
CA ILE A 52 -6.05 -5.42 -3.15
C ILE A 52 -6.23 -5.73 -4.62
N ASP A 53 -7.38 -5.39 -5.11
CA ASP A 53 -7.70 -5.48 -6.51
C ASP A 53 -7.46 -4.07 -7.00
N ASP A 54 -6.67 -3.91 -8.01
CA ASP A 54 -6.16 -2.60 -8.43
C ASP A 54 -5.53 -2.91 -9.71
N SER A 55 -5.91 -2.28 -10.74
CA SER A 55 -5.34 -2.62 -11.97
C SER A 55 -4.65 -1.43 -12.61
N LYS A 56 -3.49 -1.11 -12.08
CA LYS A 56 -2.56 -0.15 -12.71
C LYS A 56 -1.50 -1.01 -13.39
N VAL A 57 -0.69 -1.60 -12.48
CA VAL A 57 0.47 -2.49 -12.64
C VAL A 57 0.95 -2.72 -11.21
N ASN A 58 0.97 -1.59 -10.47
CA ASN A 58 1.32 -1.43 -9.03
C ASN A 58 2.74 -0.96 -8.81
N ILE A 59 3.48 -0.85 -9.87
CA ILE A 59 4.81 -0.27 -9.76
C ILE A 59 4.82 1.13 -9.01
N GLU A 60 3.73 1.92 -9.12
CA GLU A 60 3.59 3.16 -8.33
C GLU A 60 3.30 2.87 -6.86
N GLU A 61 2.51 1.82 -6.64
CA GLU A 61 2.16 1.35 -5.29
C GLU A 61 3.42 0.99 -4.55
N LEU A 62 4.28 0.31 -5.33
CA LEU A 62 5.60 -0.14 -4.92
C LEU A 62 6.41 1.03 -4.47
N LYS A 63 6.22 2.14 -5.12
CA LYS A 63 6.86 3.37 -4.75
C LYS A 63 6.30 3.93 -3.44
N GLU A 64 5.00 4.05 -3.31
CA GLU A 64 4.45 4.66 -2.12
C GLU A 64 4.65 3.85 -0.84
N LYS A 65 4.47 2.53 -0.90
CA LYS A 65 4.80 1.66 0.26
C LYS A 65 6.30 1.59 0.51
N LEU A 66 7.04 1.97 -0.48
CA LEU A 66 8.49 2.10 -0.41
C LEU A 66 8.86 3.43 0.30
N LYS A 67 7.88 4.25 0.66
CA LYS A 67 8.18 5.33 1.57
C LYS A 67 8.15 4.99 3.04
N GLY A 68 7.34 4.01 3.44
CA GLY A 68 7.46 3.50 4.81
C GLY A 68 8.76 2.75 4.84
N GLU A 69 8.79 1.73 3.99
CA GLU A 69 10.00 0.95 3.54
C GLU A 69 10.83 0.26 4.68
N VAL A 70 10.45 0.57 5.91
CA VAL A 70 11.26 0.25 7.10
C VAL A 70 11.53 -1.25 7.12
N ILE A 71 10.43 -1.93 7.04
CA ILE A 71 10.38 -3.38 6.97
C ILE A 71 9.46 -3.88 5.86
N GLU A 72 8.94 -2.96 5.02
CA GLU A 72 8.08 -3.52 3.88
C GLU A 72 9.17 -4.18 2.94
N GLU A 73 8.95 -5.40 2.57
CA GLU A 73 9.99 -6.27 2.06
C GLU A 73 9.87 -6.64 0.58
N LYS A 74 8.92 -7.50 0.35
CA LYS A 74 8.84 -8.31 -0.84
C LYS A 74 7.61 -8.04 -1.65
N GLU A 75 7.74 -8.04 -2.97
CA GLU A 75 6.63 -7.77 -3.80
C GLU A 75 6.23 -9.07 -4.46
N ILE A 76 5.66 -9.91 -3.67
CA ILE A 76 5.13 -11.14 -4.06
C ILE A 76 3.65 -10.89 -4.07
N THR A 77 3.20 -10.24 -5.11
CA THR A 77 1.89 -9.57 -5.07
C THR A 77 0.82 -10.65 -5.51
N LEU A 78 0.97 -11.81 -4.95
CA LEU A 78 0.27 -12.98 -5.22
C LEU A 78 -1.02 -13.12 -4.46
N GLN A 79 -2.25 -13.25 -5.08
CA GLN A 79 -3.50 -13.70 -4.36
C GLN A 79 -3.49 -13.37 -2.83
N GLU A 80 -3.46 -14.44 -2.05
CA GLU A 80 -2.93 -14.48 -0.73
C GLU A 80 -1.82 -15.45 -0.86
N LEU A 81 -1.15 -15.83 0.20
CA LEU A 81 -0.43 -17.11 0.19
C LEU A 81 -1.14 -18.30 -0.55
N ILE A 82 -1.85 -19.09 0.24
CA ILE A 82 -2.77 -20.13 -0.20
C ILE A 82 -4.18 -19.72 0.18
N SER A 9 -6.10 -10.41 -7.58
CA SER A 9 -5.91 -9.66 -6.35
C SER A 9 -4.42 -9.39 -6.25
N LYS A 10 -3.94 -8.96 -5.09
CA LYS A 10 -2.53 -8.77 -4.87
C LYS A 10 -2.38 -9.11 -3.44
N TRP A 11 -1.29 -9.60 -3.02
CA TRP A 11 -1.01 -9.71 -1.59
C TRP A 11 0.34 -9.12 -1.42
N ILE A 12 0.33 -7.95 -0.89
CA ILE A 12 1.51 -7.17 -0.67
C ILE A 12 1.56 -6.95 0.81
N LYS A 13 2.71 -6.73 1.37
CA LYS A 13 2.81 -6.45 2.77
C LYS A 13 2.82 -4.90 2.97
N PHE A 14 3.39 -4.44 4.10
CA PHE A 14 3.46 -3.01 4.47
C PHE A 14 4.12 -2.92 5.91
N THR A 15 3.87 -1.85 6.52
CA THR A 15 4.40 -1.40 7.73
C THR A 15 3.42 -1.81 8.84
N THR A 16 3.94 -2.36 9.92
CA THR A 16 3.11 -2.93 10.98
C THR A 16 3.37 -2.06 12.19
N ASN A 17 2.62 -1.02 12.36
CA ASN A 17 3.07 0.01 13.24
C ASN A 17 2.00 0.98 13.68
N LEU A 18 1.69 1.86 12.79
CA LEU A 18 0.92 3.00 13.08
C LEU A 18 -0.39 2.97 12.35
N THR A 19 -1.42 2.79 13.15
CA THR A 19 -2.76 2.94 12.76
C THR A 19 -2.96 4.14 11.84
N PRO A 20 -2.50 5.37 12.19
CA PRO A 20 -2.52 6.38 11.21
C PRO A 20 -1.25 6.37 10.28
N GLU A 21 -1.03 5.25 9.63
CA GLU A 21 0.04 5.00 8.65
C GLU A 21 -0.51 4.00 7.67
N GLU A 22 -1.08 2.91 8.17
CA GLU A 22 -1.98 2.05 7.36
C GLU A 22 -3.25 2.85 6.89
N ALA A 23 -3.29 4.13 7.29
CA ALA A 23 -4.25 5.10 6.88
C ALA A 23 -3.65 5.97 5.75
N LYS A 24 -2.36 6.36 5.88
CA LYS A 24 -1.68 7.21 4.89
C LYS A 24 -1.62 6.56 3.50
N ILE A 25 -1.50 5.23 3.49
CA ILE A 25 -1.48 4.40 2.28
C ILE A 25 -2.73 4.63 1.44
N VAL A 26 -3.84 4.97 2.06
CA VAL A 26 -5.07 5.17 1.35
C VAL A 26 -4.95 6.42 0.47
N GLN A 27 -4.27 7.45 0.96
CA GLN A 27 -4.10 8.68 0.20
C GLN A 27 -3.07 8.48 -0.94
N TYR A 28 -2.02 7.74 -0.65
CA TYR A 28 -0.99 7.52 -1.67
C TYR A 28 -1.56 6.81 -2.91
N GLU A 29 -2.24 5.73 -2.66
CA GLU A 29 -2.97 4.99 -3.67
C GLU A 29 -4.35 5.60 -4.06
N LEU A 30 -4.65 6.72 -3.46
CA LEU A 30 -5.87 7.50 -3.75
C LEU A 30 -5.66 8.15 -5.11
N SER A 31 -4.49 8.70 -5.36
CA SER A 31 -4.11 9.18 -6.71
C SER A 31 -4.35 8.14 -7.86
N THR A 32 -4.29 6.88 -7.52
CA THR A 32 -4.41 5.70 -8.41
C THR A 32 -5.94 5.44 -8.86
N ARG A 33 -6.72 6.50 -8.70
CA ARG A 33 -8.22 6.54 -8.73
C ARG A 33 -8.95 5.48 -9.64
N ASP A 34 -9.01 5.72 -10.97
CA ASP A 34 -9.83 4.88 -11.95
C ASP A 34 -9.26 3.45 -12.22
N GLU A 35 -8.49 2.96 -11.31
CA GLU A 35 -7.70 1.72 -11.48
C GLU A 35 -7.48 1.01 -10.16
N PHE A 36 -7.23 1.77 -9.17
CA PHE A 36 -7.27 1.35 -7.77
C PHE A 36 -8.71 0.97 -7.47
N TYR A 37 -8.94 -0.24 -6.98
CA TYR A 37 -10.29 -0.68 -6.82
C TYR A 37 -10.57 -1.25 -5.40
N ARG A 38 -10.80 -2.56 -5.30
CA ARG A 38 -11.07 -3.21 -4.02
C ARG A 38 -9.90 -3.10 -3.05
N VAL A 39 -10.12 -2.44 -1.94
CA VAL A 39 -9.08 -2.17 -0.96
C VAL A 39 -9.45 -2.78 0.36
N PHE A 40 -8.51 -3.45 1.02
CA PHE A 40 -8.68 -3.90 2.38
C PHE A 40 -7.32 -3.72 3.05
N ILE A 41 -7.26 -2.82 4.00
CA ILE A 41 -6.03 -2.56 4.76
C ILE A 41 -6.41 -2.63 6.21
N ASN A 42 -5.49 -2.93 7.12
CA ASN A 42 -5.91 -3.01 8.50
C ASN A 42 -5.19 -2.04 9.44
N PRO A 43 -5.67 -0.75 9.49
CA PRO A 43 -5.08 0.34 10.32
C PRO A 43 -5.63 0.24 11.73
N TYR A 44 -5.42 -0.91 12.23
CA TYR A 44 -5.95 -1.36 13.46
C TYR A 44 -5.14 -2.53 13.94
N ALA A 45 -4.62 -3.26 13.00
CA ALA A 45 -4.08 -4.51 13.33
C ALA A 45 -2.58 -4.65 13.23
N LYS A 46 -1.77 -3.66 12.65
CA LYS A 46 -0.29 -3.76 12.60
C LYS A 46 0.10 -5.03 11.90
N VAL A 47 -0.72 -5.40 10.95
CA VAL A 47 -0.57 -6.62 10.19
C VAL A 47 0.17 -6.31 8.94
N ALA A 48 -0.43 -5.41 8.13
CA ALA A 48 0.14 -4.96 6.93
C ALA A 48 0.30 -6.08 5.95
N GLU A 49 -0.83 -6.55 5.50
CA GLU A 49 -0.92 -7.48 4.44
C GLU A 49 -2.07 -6.93 3.68
N VAL A 50 -1.89 -6.69 2.45
CA VAL A 50 -2.93 -6.09 1.70
C VAL A 50 -3.24 -6.90 0.50
N VAL A 51 -4.49 -7.34 0.46
CA VAL A 51 -4.99 -7.99 -0.68
C VAL A 51 -5.86 -6.96 -1.35
N ILE A 52 -5.41 -6.51 -2.46
CA ILE A 52 -6.05 -5.42 -3.15
C ILE A 52 -6.23 -5.73 -4.62
N ASP A 53 -7.38 -5.39 -5.11
CA ASP A 53 -7.70 -5.48 -6.51
C ASP A 53 -7.46 -4.07 -7.00
N ASP A 54 -6.67 -3.91 -8.01
CA ASP A 54 -6.16 -2.60 -8.43
C ASP A 54 -5.53 -2.91 -9.71
N SER A 55 -5.91 -2.28 -10.74
CA SER A 55 -5.34 -2.62 -11.97
C SER A 55 -4.65 -1.43 -12.61
N LYS A 56 -3.49 -1.11 -12.08
CA LYS A 56 -2.56 -0.15 -12.71
C LYS A 56 -1.50 -1.01 -13.39
N VAL A 57 -0.69 -1.60 -12.48
CA VAL A 57 0.47 -2.49 -12.64
C VAL A 57 0.95 -2.72 -11.21
N ASN A 58 0.97 -1.59 -10.47
CA ASN A 58 1.32 -1.43 -9.03
C ASN A 58 2.74 -0.96 -8.81
N ILE A 59 3.48 -0.85 -9.87
CA ILE A 59 4.81 -0.27 -9.76
C ILE A 59 4.82 1.13 -9.01
N GLU A 60 3.73 1.92 -9.12
CA GLU A 60 3.59 3.16 -8.33
C GLU A 60 3.30 2.87 -6.86
N GLU A 61 2.51 1.82 -6.64
CA GLU A 61 2.16 1.35 -5.29
C GLU A 61 3.42 0.99 -4.55
N LEU A 62 4.28 0.31 -5.33
CA LEU A 62 5.60 -0.14 -4.92
C LEU A 62 6.41 1.03 -4.47
N LYS A 63 6.22 2.14 -5.12
CA LYS A 63 6.86 3.37 -4.75
C LYS A 63 6.30 3.93 -3.44
N GLU A 64 5.00 4.05 -3.31
CA GLU A 64 4.45 4.66 -2.12
C GLU A 64 4.65 3.85 -0.84
N LYS A 65 4.47 2.53 -0.90
CA LYS A 65 4.80 1.66 0.26
C LYS A 65 6.30 1.59 0.51
N LEU A 66 7.04 1.97 -0.48
CA LEU A 66 8.49 2.10 -0.41
C LEU A 66 8.86 3.43 0.30
N LYS A 67 7.88 4.25 0.66
CA LYS A 67 8.18 5.33 1.57
C LYS A 67 8.15 4.99 3.04
N GLY A 68 7.34 4.01 3.44
CA GLY A 68 7.46 3.50 4.81
C GLY A 68 8.76 2.75 4.84
N GLU A 69 8.79 1.73 3.99
CA GLU A 69 10.00 0.95 3.54
C GLU A 69 10.83 0.26 4.68
N VAL A 70 10.45 0.57 5.91
CA VAL A 70 11.26 0.25 7.10
C VAL A 70 11.53 -1.25 7.12
N ILE A 71 10.43 -1.93 7.04
CA ILE A 71 10.38 -3.38 6.97
C ILE A 71 9.46 -3.88 5.86
N GLU A 72 8.94 -2.96 5.02
CA GLU A 72 8.08 -3.52 3.88
C GLU A 72 9.17 -4.18 2.94
N GLU A 73 8.95 -5.40 2.57
CA GLU A 73 9.99 -6.27 2.06
C GLU A 73 9.87 -6.64 0.58
N LYS A 74 8.92 -7.50 0.35
CA LYS A 74 8.84 -8.31 -0.84
C LYS A 74 7.61 -8.04 -1.65
N GLU A 75 7.74 -8.04 -2.97
CA GLU A 75 6.63 -7.77 -3.80
C GLU A 75 6.23 -9.07 -4.46
N ILE A 76 5.66 -9.91 -3.67
CA ILE A 76 5.13 -11.14 -4.06
C ILE A 76 3.65 -10.89 -4.07
N THR A 77 3.20 -10.24 -5.11
CA THR A 77 1.89 -9.57 -5.07
C THR A 77 0.82 -10.65 -5.51
N LEU A 78 0.97 -11.81 -4.95
CA LEU A 78 0.27 -12.98 -5.22
C LEU A 78 -1.02 -13.12 -4.46
N GLN A 79 -2.25 -13.25 -5.08
CA GLN A 79 -3.50 -13.70 -4.36
C GLN A 79 -3.49 -13.37 -2.83
N GLU A 80 -3.46 -14.44 -2.05
CA GLU A 80 -2.93 -14.48 -0.73
C GLU A 80 -1.82 -15.45 -0.86
N LEU A 81 -1.15 -15.83 0.20
CA LEU A 81 -0.43 -17.11 0.19
C LEU A 81 -1.14 -18.30 -0.55
N ILE A 82 -1.85 -19.09 0.24
CA ILE A 82 -2.77 -20.13 -0.20
C ILE A 82 -4.18 -19.72 0.18
N SER A 9 -6.10 -10.41 -7.58
CA SER A 9 -5.91 -9.66 -6.35
C SER A 9 -4.42 -9.39 -6.25
N LYS A 10 -3.94 -8.96 -5.09
CA LYS A 10 -2.53 -8.77 -4.87
C LYS A 10 -2.38 -9.11 -3.44
N TRP A 11 -1.29 -9.60 -3.02
CA TRP A 11 -1.01 -9.71 -1.59
C TRP A 11 0.34 -9.12 -1.42
N ILE A 12 0.33 -7.95 -0.89
CA ILE A 12 1.51 -7.17 -0.67
C ILE A 12 1.56 -6.95 0.81
N LYS A 13 2.71 -6.73 1.37
CA LYS A 13 2.81 -6.45 2.77
C LYS A 13 2.82 -4.90 2.97
N PHE A 14 3.39 -4.44 4.10
CA PHE A 14 3.46 -3.01 4.47
C PHE A 14 4.12 -2.92 5.91
N THR A 15 3.87 -1.85 6.52
CA THR A 15 4.40 -1.40 7.73
C THR A 15 3.42 -1.81 8.84
N THR A 16 3.94 -2.36 9.92
CA THR A 16 3.11 -2.93 10.98
C THR A 16 3.37 -2.06 12.19
N ASN A 17 2.62 -1.02 12.36
CA ASN A 17 3.07 0.01 13.24
C ASN A 17 2.00 0.98 13.68
N LEU A 18 1.69 1.86 12.79
CA LEU A 18 0.92 3.00 13.08
C LEU A 18 -0.39 2.97 12.35
N THR A 19 -1.42 2.79 13.15
CA THR A 19 -2.76 2.94 12.76
C THR A 19 -2.96 4.14 11.84
N PRO A 20 -2.50 5.37 12.19
CA PRO A 20 -2.52 6.38 11.21
C PRO A 20 -1.25 6.37 10.28
N GLU A 21 -1.03 5.25 9.63
CA GLU A 21 0.04 5.00 8.65
C GLU A 21 -0.51 4.00 7.67
N GLU A 22 -1.08 2.91 8.17
CA GLU A 22 -1.98 2.05 7.36
C GLU A 22 -3.25 2.85 6.89
N ALA A 23 -3.29 4.13 7.29
CA ALA A 23 -4.25 5.10 6.88
C ALA A 23 -3.65 5.97 5.75
N LYS A 24 -2.36 6.36 5.88
CA LYS A 24 -1.68 7.21 4.89
C LYS A 24 -1.62 6.56 3.50
N ILE A 25 -1.50 5.23 3.49
CA ILE A 25 -1.48 4.40 2.28
C ILE A 25 -2.73 4.63 1.44
N VAL A 26 -3.84 4.97 2.06
CA VAL A 26 -5.07 5.17 1.35
C VAL A 26 -4.95 6.42 0.47
N GLN A 27 -4.27 7.45 0.96
CA GLN A 27 -4.10 8.68 0.20
C GLN A 27 -3.07 8.48 -0.94
N TYR A 28 -2.02 7.74 -0.65
CA TYR A 28 -0.99 7.52 -1.67
C TYR A 28 -1.56 6.81 -2.91
N GLU A 29 -2.24 5.73 -2.66
CA GLU A 29 -2.97 4.99 -3.67
C GLU A 29 -4.35 5.60 -4.06
N LEU A 30 -4.65 6.72 -3.46
CA LEU A 30 -5.87 7.50 -3.75
C LEU A 30 -5.66 8.15 -5.11
N SER A 31 -4.49 8.70 -5.36
CA SER A 31 -4.11 9.18 -6.71
C SER A 31 -4.35 8.14 -7.86
N THR A 32 -4.29 6.88 -7.52
CA THR A 32 -4.41 5.70 -8.41
C THR A 32 -5.94 5.44 -8.86
N ARG A 33 -6.72 6.50 -8.70
CA ARG A 33 -8.22 6.54 -8.73
C ARG A 33 -8.95 5.48 -9.64
N ASP A 34 -9.01 5.72 -10.97
CA ASP A 34 -9.83 4.88 -11.95
C ASP A 34 -9.26 3.45 -12.22
N GLU A 35 -8.49 2.96 -11.31
CA GLU A 35 -7.70 1.72 -11.48
C GLU A 35 -7.48 1.01 -10.16
N PHE A 36 -7.23 1.77 -9.17
CA PHE A 36 -7.27 1.35 -7.77
C PHE A 36 -8.71 0.97 -7.47
N TYR A 37 -8.94 -0.24 -6.98
CA TYR A 37 -10.29 -0.68 -6.82
C TYR A 37 -10.57 -1.25 -5.40
N ARG A 38 -10.80 -2.56 -5.30
CA ARG A 38 -11.07 -3.21 -4.02
C ARG A 38 -9.90 -3.10 -3.05
N VAL A 39 -10.12 -2.44 -1.94
CA VAL A 39 -9.08 -2.17 -0.96
C VAL A 39 -9.45 -2.78 0.36
N PHE A 40 -8.51 -3.45 1.02
CA PHE A 40 -8.68 -3.90 2.38
C PHE A 40 -7.32 -3.72 3.05
N ILE A 41 -7.26 -2.82 4.00
CA ILE A 41 -6.03 -2.56 4.76
C ILE A 41 -6.41 -2.63 6.21
N ASN A 42 -5.49 -2.93 7.12
CA ASN A 42 -5.91 -3.01 8.50
C ASN A 42 -5.19 -2.04 9.44
N PRO A 43 -5.67 -0.75 9.49
CA PRO A 43 -5.08 0.34 10.32
C PRO A 43 -5.63 0.24 11.73
N TYR A 44 -5.42 -0.91 12.23
CA TYR A 44 -5.95 -1.36 13.46
C TYR A 44 -5.14 -2.53 13.94
N ALA A 45 -4.62 -3.26 13.00
CA ALA A 45 -4.08 -4.51 13.33
C ALA A 45 -2.58 -4.65 13.23
N LYS A 46 -1.77 -3.66 12.65
CA LYS A 46 -0.29 -3.76 12.60
C LYS A 46 0.10 -5.03 11.90
N VAL A 47 -0.72 -5.40 10.95
CA VAL A 47 -0.57 -6.62 10.19
C VAL A 47 0.17 -6.31 8.94
N ALA A 48 -0.43 -5.41 8.13
CA ALA A 48 0.14 -4.96 6.93
C ALA A 48 0.30 -6.08 5.95
N GLU A 49 -0.83 -6.55 5.50
CA GLU A 49 -0.92 -7.48 4.44
C GLU A 49 -2.07 -6.93 3.68
N VAL A 50 -1.89 -6.69 2.45
CA VAL A 50 -2.93 -6.09 1.70
C VAL A 50 -3.24 -6.90 0.50
N VAL A 51 -4.49 -7.34 0.46
CA VAL A 51 -4.99 -7.99 -0.68
C VAL A 51 -5.86 -6.96 -1.35
N ILE A 52 -5.41 -6.51 -2.46
CA ILE A 52 -6.05 -5.42 -3.15
C ILE A 52 -6.23 -5.73 -4.62
N ASP A 53 -7.38 -5.39 -5.11
CA ASP A 53 -7.70 -5.48 -6.51
C ASP A 53 -7.46 -4.07 -7.00
N ASP A 54 -6.67 -3.91 -8.01
CA ASP A 54 -6.16 -2.60 -8.43
C ASP A 54 -5.53 -2.91 -9.71
N SER A 55 -5.91 -2.28 -10.74
CA SER A 55 -5.34 -2.62 -11.97
C SER A 55 -4.65 -1.43 -12.61
N LYS A 56 -3.49 -1.11 -12.08
CA LYS A 56 -2.56 -0.15 -12.71
C LYS A 56 -1.50 -1.01 -13.39
N VAL A 57 -0.69 -1.60 -12.48
CA VAL A 57 0.47 -2.49 -12.64
C VAL A 57 0.95 -2.72 -11.21
N ASN A 58 0.97 -1.59 -10.47
CA ASN A 58 1.32 -1.43 -9.03
C ASN A 58 2.74 -0.96 -8.81
N ILE A 59 3.48 -0.85 -9.87
CA ILE A 59 4.81 -0.27 -9.76
C ILE A 59 4.82 1.13 -9.01
N GLU A 60 3.73 1.92 -9.12
CA GLU A 60 3.59 3.16 -8.33
C GLU A 60 3.30 2.87 -6.86
N GLU A 61 2.51 1.82 -6.64
CA GLU A 61 2.16 1.35 -5.29
C GLU A 61 3.42 0.99 -4.55
N LEU A 62 4.28 0.31 -5.33
CA LEU A 62 5.60 -0.14 -4.92
C LEU A 62 6.41 1.03 -4.47
N LYS A 63 6.22 2.14 -5.12
CA LYS A 63 6.86 3.37 -4.75
C LYS A 63 6.30 3.93 -3.44
N GLU A 64 5.00 4.05 -3.31
CA GLU A 64 4.45 4.66 -2.12
C GLU A 64 4.65 3.85 -0.84
N LYS A 65 4.47 2.53 -0.90
CA LYS A 65 4.80 1.66 0.26
C LYS A 65 6.30 1.59 0.51
N LEU A 66 7.04 1.97 -0.48
CA LEU A 66 8.49 2.10 -0.41
C LEU A 66 8.86 3.43 0.30
N LYS A 67 7.88 4.25 0.66
CA LYS A 67 8.18 5.33 1.57
C LYS A 67 8.15 4.99 3.04
N GLY A 68 7.34 4.01 3.44
CA GLY A 68 7.46 3.50 4.81
C GLY A 68 8.76 2.75 4.84
N GLU A 69 8.79 1.73 3.99
CA GLU A 69 10.00 0.95 3.54
C GLU A 69 10.83 0.26 4.68
N VAL A 70 10.45 0.57 5.91
CA VAL A 70 11.26 0.25 7.10
C VAL A 70 11.53 -1.25 7.12
N ILE A 71 10.43 -1.93 7.04
CA ILE A 71 10.38 -3.38 6.97
C ILE A 71 9.46 -3.88 5.86
N GLU A 72 8.94 -2.96 5.02
CA GLU A 72 8.08 -3.52 3.88
C GLU A 72 9.17 -4.18 2.94
N GLU A 73 8.95 -5.40 2.57
CA GLU A 73 9.99 -6.27 2.06
C GLU A 73 9.87 -6.64 0.58
N LYS A 74 8.92 -7.50 0.35
CA LYS A 74 8.84 -8.31 -0.84
C LYS A 74 7.61 -8.04 -1.65
N GLU A 75 7.74 -8.04 -2.97
CA GLU A 75 6.63 -7.77 -3.80
C GLU A 75 6.23 -9.07 -4.46
N ILE A 76 5.66 -9.91 -3.67
CA ILE A 76 5.13 -11.14 -4.06
C ILE A 76 3.65 -10.89 -4.07
N THR A 77 3.20 -10.24 -5.11
CA THR A 77 1.89 -9.57 -5.07
C THR A 77 0.82 -10.65 -5.51
N LEU A 78 0.97 -11.81 -4.95
CA LEU A 78 0.27 -12.98 -5.22
C LEU A 78 -1.02 -13.12 -4.46
N GLN A 79 -2.25 -13.25 -5.08
CA GLN A 79 -3.50 -13.70 -4.36
C GLN A 79 -3.49 -13.37 -2.83
N GLU A 80 -3.46 -14.44 -2.05
CA GLU A 80 -2.93 -14.48 -0.73
C GLU A 80 -1.82 -15.45 -0.86
N LEU A 81 -1.15 -15.83 0.20
CA LEU A 81 -0.43 -17.11 0.19
C LEU A 81 -1.14 -18.30 -0.55
N ILE A 82 -1.85 -19.09 0.24
CA ILE A 82 -2.77 -20.13 -0.20
C ILE A 82 -4.18 -19.72 0.18
N SER A 9 -4.60 -7.89 -9.32
CA SER A 9 -4.46 -7.77 -7.88
C SER A 9 -3.03 -7.32 -7.65
N LYS A 10 -2.65 -6.93 -6.43
CA LYS A 10 -1.28 -6.54 -6.14
C LYS A 10 -1.03 -6.91 -4.73
N TRP A 11 0.19 -7.06 -4.37
CA TRP A 11 0.58 -7.31 -3.01
C TRP A 11 1.82 -6.50 -2.75
N ILE A 12 1.60 -5.40 -2.09
CA ILE A 12 2.57 -4.35 -1.75
C ILE A 12 2.76 -4.32 -0.24
N LYS A 13 3.31 -3.22 0.28
CA LYS A 13 3.58 -3.12 1.69
C LYS A 13 3.36 -1.63 2.05
N PHE A 14 4.05 -1.14 3.09
CA PHE A 14 3.80 0.18 3.62
C PHE A 14 4.71 0.54 4.81
N THR A 15 4.28 1.55 5.51
CA THR A 15 4.69 1.91 6.83
C THR A 15 3.84 1.05 7.79
N THR A 16 4.41 0.50 8.83
CA THR A 16 3.63 -0.19 9.82
C THR A 16 4.05 0.46 11.17
N ASN A 17 3.43 1.58 11.54
CA ASN A 17 3.97 2.42 12.64
C ASN A 17 2.94 3.34 13.31
N LEU A 18 2.55 4.34 12.54
CA LEU A 18 1.63 5.40 12.92
C LEU A 18 0.19 4.96 13.13
N THR A 19 -0.69 5.95 13.23
CA THR A 19 -1.98 5.80 13.73
C THR A 19 -2.84 6.85 13.06
N PRO A 20 -2.35 8.11 12.84
CA PRO A 20 -3.10 9.01 12.05
C PRO A 20 -2.57 9.09 10.60
N GLU A 21 -2.23 7.95 10.02
CA GLU A 21 -1.65 7.93 8.72
C GLU A 21 -2.66 7.61 7.62
N GLU A 22 -2.83 8.59 6.77
CA GLU A 22 -3.68 8.53 5.56
C GLU A 22 -3.17 9.55 4.55
N ALA A 23 -2.08 10.22 4.87
CA ALA A 23 -1.69 11.39 4.07
C ALA A 23 -0.80 11.06 2.87
N LYS A 24 -0.40 9.81 2.73
CA LYS A 24 0.39 9.43 1.56
C LYS A 24 -0.49 9.20 0.32
N ILE A 25 -1.21 8.09 0.27
CA ILE A 25 -2.09 7.71 -0.85
C ILE A 25 -3.26 8.70 -1.13
N VAL A 26 -3.70 9.51 -0.17
CA VAL A 26 -4.81 10.44 -0.46
C VAL A 26 -4.49 11.38 -1.68
N GLN A 27 -3.28 11.92 -1.69
CA GLN A 27 -2.79 12.76 -2.80
C GLN A 27 -2.44 11.91 -4.06
N TYR A 28 -2.26 10.62 -3.87
CA TYR A 28 -1.93 9.71 -4.95
C TYR A 28 -3.01 9.54 -6.07
N GLU A 29 -3.97 8.60 -5.96
CA GLU A 29 -4.96 8.44 -7.05
C GLU A 29 -6.35 9.05 -6.84
N LEU A 30 -6.80 9.08 -5.60
CA LEU A 30 -8.11 9.72 -5.23
C LEU A 30 -8.09 11.20 -5.55
N SER A 31 -6.88 11.73 -5.60
CA SER A 31 -6.63 13.00 -6.30
C SER A 31 -7.64 13.20 -7.50
N THR A 32 -7.77 12.15 -8.34
CA THR A 32 -8.70 12.15 -9.45
C THR A 32 -9.90 11.16 -9.25
N ARG A 33 -9.58 9.87 -9.01
CA ARG A 33 -10.57 8.74 -8.90
C ARG A 33 -10.85 8.14 -10.28
N ASP A 34 -11.49 6.95 -10.30
CA ASP A 34 -11.74 6.07 -11.50
C ASP A 34 -10.56 5.17 -11.86
N GLU A 35 -9.35 5.59 -11.55
CA GLU A 35 -8.17 4.76 -11.88
C GLU A 35 -7.86 3.69 -10.84
N PHE A 36 -7.86 4.08 -9.60
CA PHE A 36 -7.59 3.17 -8.51
C PHE A 36 -8.80 2.34 -8.17
N TYR A 37 -8.55 1.21 -7.60
CA TYR A 37 -9.58 0.36 -7.09
C TYR A 37 -8.98 -0.42 -5.90
N ARG A 38 -9.59 -1.54 -5.54
CA ARG A 38 -9.41 -2.23 -4.26
C ARG A 38 -9.09 -1.29 -3.09
N VAL A 39 -7.82 -1.24 -2.62
CA VAL A 39 -7.42 -0.39 -1.50
C VAL A 39 -7.92 -1.05 -0.23
N PHE A 40 -7.21 -2.05 0.25
CA PHE A 40 -7.66 -2.86 1.37
C PHE A 40 -6.44 -3.33 2.09
N ILE A 41 -6.05 -2.54 3.04
CA ILE A 41 -4.88 -2.77 3.84
C ILE A 41 -5.29 -2.63 5.28
N ASN A 42 -4.45 -2.97 6.24
CA ASN A 42 -4.76 -2.60 7.57
C ASN A 42 -4.32 -1.20 7.75
N PRO A 43 -5.25 -0.28 7.98
CA PRO A 43 -4.92 1.10 8.08
C PRO A 43 -4.09 1.40 9.29
N TYR A 44 -2.78 1.66 9.03
CA TYR A 44 -1.81 2.30 9.96
C TYR A 44 -1.38 1.45 11.15
N ALA A 45 -2.28 0.59 11.63
CA ALA A 45 -2.09 -0.24 12.82
C ALA A 45 -1.10 -1.40 12.57
N LYS A 46 0.03 -1.02 12.02
CA LYS A 46 1.19 -1.81 11.75
C LYS A 46 0.94 -3.12 10.94
N VAL A 47 -0.08 -3.15 10.13
CA VAL A 47 -0.34 -4.34 9.31
C VAL A 47 -0.83 -3.84 7.94
N ALA A 48 -0.04 -3.05 7.31
CA ALA A 48 -0.53 -2.28 6.23
C ALA A 48 0.08 -2.86 5.00
N GLU A 49 -0.75 -3.52 4.23
CA GLU A 49 -0.39 -4.25 3.04
C GLU A 49 -1.63 -4.94 2.52
N VAL A 50 -1.45 -5.72 1.49
CA VAL A 50 -2.45 -6.53 0.80
C VAL A 50 -2.72 -5.99 -0.64
N VAL A 51 -3.99 -5.83 -1.02
CA VAL A 51 -4.34 -5.49 -2.42
C VAL A 51 -4.66 -3.97 -2.64
N ILE A 52 -4.49 -3.55 -3.89
CA ILE A 52 -4.60 -2.15 -4.32
C ILE A 52 -4.49 -2.20 -5.85
N ASP A 53 -5.34 -1.45 -6.55
CA ASP A 53 -5.32 -1.50 -8.02
C ASP A 53 -4.45 -0.47 -8.71
N ASP A 54 -4.20 0.71 -8.04
CA ASP A 54 -3.37 1.86 -8.54
C ASP A 54 -2.84 1.65 -9.92
N SER A 55 -3.67 1.96 -10.85
CA SER A 55 -3.50 1.43 -12.17
C SER A 55 -2.74 2.35 -13.14
N LYS A 56 -3.37 3.49 -13.57
CA LYS A 56 -2.76 4.51 -14.51
C LYS A 56 -1.27 4.48 -14.78
N VAL A 57 -0.46 4.79 -13.81
CA VAL A 57 0.94 4.95 -14.10
C VAL A 57 1.69 3.67 -13.77
N ASN A 58 1.34 3.02 -12.67
CA ASN A 58 1.97 1.77 -12.18
C ASN A 58 3.45 1.99 -11.79
N ILE A 59 4.35 2.15 -12.77
CA ILE A 59 5.79 2.37 -12.50
C ILE A 59 6.11 3.39 -11.36
N GLU A 60 5.33 4.46 -11.19
CA GLU A 60 5.64 5.37 -10.11
C GLU A 60 4.90 5.06 -8.79
N GLU A 61 3.95 4.08 -8.80
CA GLU A 61 3.32 3.60 -7.52
C GLU A 61 4.41 3.24 -6.54
N LEU A 62 5.53 2.77 -7.10
CA LEU A 62 6.71 2.39 -6.37
C LEU A 62 7.26 3.56 -5.57
N LYS A 63 6.88 4.78 -5.94
CA LYS A 63 7.28 5.99 -5.20
C LYS A 63 6.54 6.00 -3.84
N GLU A 64 5.22 5.81 -3.83
CA GLU A 64 4.52 5.72 -2.55
C GLU A 64 4.87 4.41 -1.80
N LYS A 65 4.99 3.32 -2.55
CA LYS A 65 5.39 1.99 -1.97
C LYS A 65 6.80 2.12 -1.32
N LEU A 66 7.53 3.05 -1.87
CA LEU A 66 8.87 3.44 -1.44
C LEU A 66 8.83 4.01 -0.03
N LYS A 67 7.72 4.65 0.39
CA LYS A 67 7.68 5.31 1.69
C LYS A 67 7.96 4.37 2.90
N GLY A 68 7.02 3.51 3.28
CA GLY A 68 7.19 2.71 4.53
C GLY A 68 7.74 3.52 5.76
N GLU A 69 7.33 4.81 5.86
CA GLU A 69 7.84 5.91 6.74
C GLU A 69 9.29 5.91 7.20
N VAL A 70 9.61 7.02 7.92
CA VAL A 70 10.82 7.25 8.73
C VAL A 70 12.01 6.28 8.39
N ILE A 71 13.02 6.83 7.69
CA ILE A 71 14.09 6.02 7.03
C ILE A 71 13.38 5.26 5.84
N GLU A 72 12.24 5.92 5.48
CA GLU A 72 11.36 5.72 4.31
C GLU A 72 12.09 4.79 3.30
N GLU A 73 11.68 3.53 3.30
CA GLU A 73 12.46 2.45 2.73
C GLU A 73 12.24 2.15 1.25
N LYS A 74 11.35 1.19 0.98
CA LYS A 74 11.18 0.67 -0.37
C LYS A 74 9.95 -0.24 -0.46
N GLU A 75 9.78 -0.88 -1.60
CA GLU A 75 8.68 -1.82 -1.82
C GLU A 75 9.01 -3.18 -1.20
N ILE A 76 9.66 -4.04 -2.01
CA ILE A 76 10.01 -5.41 -1.69
C ILE A 76 8.86 -6.19 -1.06
N THR A 77 8.10 -6.87 -1.90
CA THR A 77 7.02 -7.74 -1.41
C THR A 77 6.84 -8.92 -2.38
N LEU A 78 7.50 -10.03 -2.04
CA LEU A 78 7.46 -11.29 -2.79
C LEU A 78 6.09 -11.70 -3.41
N GLN A 79 5.41 -12.63 -2.80
CA GLN A 79 4.22 -13.16 -3.40
C GLN A 79 3.11 -13.43 -2.44
N GLU A 80 1.92 -13.24 -2.97
CA GLU A 80 0.66 -13.54 -2.39
C GLU A 80 0.45 -15.06 -2.25
N LEU A 81 1.07 -15.68 -1.28
CA LEU A 81 0.79 -17.08 -0.97
C LEU A 81 0.12 -17.19 0.39
N ILE A 82 -0.47 -16.10 0.85
CA ILE A 82 -0.90 -16.09 2.24
C ILE A 82 -2.42 -16.24 2.39
N SER A 9 -5.00 -6.48 -7.52
CA SER A 9 -4.69 -6.44 -6.09
C SER A 9 -3.16 -6.50 -6.00
N LYS A 10 -2.51 -5.95 -4.95
CA LYS A 10 -1.09 -6.14 -4.79
C LYS A 10 -0.91 -6.48 -3.35
N TRP A 11 0.24 -6.92 -2.97
CA TRP A 11 0.56 -7.21 -1.60
C TRP A 11 1.79 -6.39 -1.29
N ILE A 12 1.65 -5.37 -0.44
CA ILE A 12 2.77 -4.51 -0.07
C ILE A 12 2.76 -4.31 1.44
N LYS A 13 3.52 -3.34 1.97
CA LYS A 13 3.64 -3.18 3.41
C LYS A 13 3.35 -1.74 3.72
N PHE A 14 2.36 -1.48 4.55
CA PHE A 14 2.02 -0.16 5.01
C PHE A 14 3.04 0.47 5.99
N THR A 15 2.47 1.18 6.94
CA THR A 15 3.10 1.91 7.97
C THR A 15 2.66 1.15 9.23
N THR A 16 3.55 0.92 10.19
CA THR A 16 3.23 0.07 11.34
C THR A 16 3.68 0.87 12.57
N ASN A 17 2.75 1.40 13.35
CA ASN A 17 3.15 2.31 14.46
C ASN A 17 2.04 2.52 15.48
N LEU A 18 0.85 2.65 14.95
CA LEU A 18 -0.34 3.15 15.65
C LEU A 18 -1.56 2.98 14.77
N THR A 19 -2.00 4.07 14.25
CA THR A 19 -3.08 4.23 13.41
C THR A 19 -2.52 5.24 12.47
N PRO A 20 -1.99 4.77 11.36
CA PRO A 20 -1.23 5.60 10.48
C PRO A 20 -2.00 6.80 9.93
N GLU A 21 -1.30 7.63 9.21
CA GLU A 21 -1.89 8.80 8.68
C GLU A 21 -2.34 8.43 7.25
N GLU A 22 -2.62 9.38 6.44
CA GLU A 22 -3.34 9.11 5.23
C GLU A 22 -2.94 10.08 4.17
N ALA A 23 -1.73 10.62 4.22
CA ALA A 23 -1.38 11.54 3.16
C ALA A 23 -0.61 10.75 2.09
N LYS A 24 -0.44 9.46 2.35
CA LYS A 24 -0.01 8.55 1.33
C LYS A 24 -1.28 8.08 0.63
N ILE A 25 -2.22 7.49 1.42
CA ILE A 25 -3.59 7.17 0.98
C ILE A 25 -4.26 8.30 0.21
N VAL A 26 -4.20 9.50 0.72
CA VAL A 26 -4.77 10.60 0.02
C VAL A 26 -3.65 11.27 -0.75
N GLN A 27 -3.82 11.35 -2.04
CA GLN A 27 -2.88 11.86 -3.06
C GLN A 27 -2.19 10.71 -3.78
N TYR A 28 -1.32 9.96 -3.13
CA TYR A 28 -0.66 8.83 -3.81
C TYR A 28 -1.61 7.70 -4.24
N GLU A 29 -2.09 6.85 -3.29
CA GLU A 29 -3.00 5.69 -3.61
C GLU A 29 -4.26 6.16 -4.39
N LEU A 30 -4.58 7.39 -4.11
CA LEU A 30 -5.76 8.11 -4.53
C LEU A 30 -5.67 8.46 -5.99
N SER A 31 -4.48 8.78 -6.50
CA SER A 31 -4.33 9.07 -7.94
C SER A 31 -5.12 8.09 -8.91
N THR A 32 -5.23 6.81 -8.58
CA THR A 32 -5.93 5.85 -9.43
C THR A 32 -7.33 5.47 -8.87
N ARG A 33 -7.87 6.44 -8.12
CA ARG A 33 -9.18 6.43 -7.39
C ARG A 33 -10.26 5.44 -7.90
N ASP A 34 -11.00 5.78 -8.98
CA ASP A 34 -12.02 4.88 -9.68
C ASP A 34 -11.84 3.39 -9.34
N GLU A 35 -10.85 2.78 -9.95
CA GLU A 35 -10.37 1.46 -9.72
C GLU A 35 -9.86 1.19 -8.31
N PHE A 36 -9.03 2.06 -7.77
CA PHE A 36 -8.61 1.95 -6.34
C PHE A 36 -9.79 1.96 -5.34
N TYR A 37 -10.16 0.77 -4.91
CA TYR A 37 -11.20 0.60 -3.94
C TYR A 37 -10.75 -0.39 -2.88
N ARG A 38 -10.30 -1.56 -3.34
CA ARG A 38 -9.78 -2.57 -2.43
C ARG A 38 -8.63 -2.01 -1.57
N VAL A 39 -8.68 -2.26 -0.25
CA VAL A 39 -7.69 -1.76 0.72
C VAL A 39 -7.13 -2.90 1.61
N PHE A 40 -7.88 -3.30 2.64
CA PHE A 40 -7.47 -4.35 3.61
C PHE A 40 -6.06 -4.19 4.19
N ILE A 41 -5.96 -3.40 5.25
CA ILE A 41 -4.69 -3.18 5.94
C ILE A 41 -4.91 -3.40 7.43
N ASN A 42 -3.84 -3.59 8.22
CA ASN A 42 -3.96 -3.53 9.62
C ASN A 42 -3.64 -2.11 9.99
N PRO A 43 -4.61 -1.31 10.37
CA PRO A 43 -4.37 0.05 10.80
C PRO A 43 -4.28 0.09 12.31
N TYR A 44 -3.86 -1.02 12.87
CA TYR A 44 -3.92 -1.21 14.27
C TYR A 44 -2.67 -1.89 14.73
N ALA A 45 -2.12 -1.36 15.79
CA ALA A 45 -0.95 -1.83 16.49
C ALA A 45 0.15 -2.40 15.61
N LYS A 46 0.79 -1.51 14.83
CA LYS A 46 2.06 -1.79 14.11
C LYS A 46 2.15 -3.05 13.25
N VAL A 47 1.07 -3.52 12.73
CA VAL A 47 1.12 -4.62 11.78
C VAL A 47 0.25 -4.17 10.64
N ALA A 48 0.47 -4.68 9.42
CA ALA A 48 -0.39 -4.46 8.28
C ALA A 48 -0.09 -5.43 7.13
N GLU A 49 -1.09 -5.60 6.30
CA GLU A 49 -1.01 -6.24 5.02
C GLU A 49 -1.61 -5.20 4.13
N VAL A 50 -1.19 -5.09 2.91
CA VAL A 50 -1.73 -4.02 2.08
C VAL A 50 -2.18 -4.52 0.73
N VAL A 51 -3.30 -3.92 0.32
CA VAL A 51 -3.87 -4.18 -0.93
C VAL A 51 -4.20 -2.84 -1.56
N ILE A 52 -3.63 -2.58 -2.66
CA ILE A 52 -3.97 -1.46 -3.44
C ILE A 52 -4.17 -2.08 -4.80
N ASP A 53 -5.40 -2.04 -5.26
CA ASP A 53 -5.79 -2.82 -6.41
C ASP A 53 -5.17 -2.43 -7.73
N ASP A 54 -5.01 -1.11 -7.89
CA ASP A 54 -4.54 -0.43 -9.12
C ASP A 54 -4.61 -1.27 -10.37
N SER A 55 -5.77 -1.48 -10.89
CA SER A 55 -5.78 -2.02 -12.22
C SER A 55 -5.04 -1.14 -13.28
N LYS A 56 -5.21 0.22 -13.22
CA LYS A 56 -4.39 1.23 -14.02
C LYS A 56 -3.00 0.81 -14.49
N VAL A 57 -1.93 1.25 -13.84
CA VAL A 57 -0.59 0.90 -14.29
C VAL A 57 0.26 0.83 -13.05
N ASN A 58 0.48 -0.37 -12.57
CA ASN A 58 1.14 -0.53 -11.29
C ASN A 58 2.54 -0.01 -11.31
N ILE A 59 3.25 -0.17 -12.43
CA ILE A 59 4.64 0.33 -12.46
C ILE A 59 4.70 1.89 -12.17
N GLU A 60 3.67 2.67 -12.56
CA GLU A 60 3.66 4.10 -12.26
C GLU A 60 3.30 4.32 -10.79
N GLU A 61 2.33 3.58 -10.36
CA GLU A 61 1.87 3.53 -8.99
C GLU A 61 3.00 3.11 -8.02
N LEU A 62 3.80 2.13 -8.40
CA LEU A 62 4.94 1.75 -7.61
C LEU A 62 6.16 2.60 -7.92
N LYS A 63 5.92 3.67 -8.61
CA LYS A 63 6.89 4.72 -8.80
C LYS A 63 6.80 5.82 -7.73
N GLU A 64 5.71 6.59 -7.69
CA GLU A 64 5.77 7.77 -6.82
C GLU A 64 5.74 7.51 -5.33
N LYS A 65 4.86 6.64 -4.93
CA LYS A 65 4.69 6.27 -3.55
C LYS A 65 5.65 5.19 -3.08
N LEU A 66 6.40 4.62 -4.06
CA LEU A 66 7.60 3.65 -3.83
C LEU A 66 8.63 4.14 -2.71
N LYS A 67 8.15 4.95 -1.87
CA LYS A 67 8.82 5.67 -0.86
C LYS A 67 8.25 5.11 0.42
N GLY A 68 8.95 5.12 1.51
CA GLY A 68 8.39 4.51 2.67
C GLY A 68 9.09 5.02 3.85
N GLU A 69 8.36 5.40 4.81
CA GLU A 69 8.90 6.01 5.98
C GLU A 69 8.18 5.47 7.19
N VAL A 70 8.81 5.60 8.40
CA VAL A 70 8.23 5.14 9.68
C VAL A 70 8.42 3.60 9.83
N ILE A 71 9.48 3.06 9.17
CA ILE A 71 9.79 1.59 9.15
C ILE A 71 8.88 0.83 8.11
N GLU A 72 8.23 1.63 7.29
CA GLU A 72 7.50 1.13 6.13
C GLU A 72 8.49 0.57 5.09
N GLU A 73 9.55 1.34 4.86
CA GLU A 73 10.59 1.02 3.89
C GLU A 73 10.12 0.70 2.51
N LYS A 74 9.71 1.77 1.83
CA LYS A 74 9.18 1.76 0.46
C LYS A 74 7.95 0.85 0.46
N GLU A 75 7.43 0.44 -0.67
CA GLU A 75 6.37 -0.50 -0.59
C GLU A 75 6.86 -1.77 -1.23
N ILE A 76 7.30 -2.67 -0.39
CA ILE A 76 7.88 -3.91 -0.79
C ILE A 76 6.98 -4.84 -1.68
N THR A 77 6.73 -5.99 -1.23
CA THR A 77 6.27 -7.12 -2.05
C THR A 77 6.42 -8.34 -1.21
N LEU A 78 5.41 -9.17 -1.16
CA LEU A 78 5.53 -10.47 -0.54
C LEU A 78 4.34 -11.33 -0.98
N GLN A 79 4.42 -12.57 -0.69
CA GLN A 79 3.51 -13.55 -1.11
C GLN A 79 2.82 -14.12 0.11
N GLU A 80 1.53 -14.22 -0.01
CA GLU A 80 0.59 -14.61 1.01
C GLU A 80 0.73 -15.98 1.67
N LEU A 81 1.76 -16.26 2.44
CA LEU A 81 1.75 -17.51 3.17
C LEU A 81 1.17 -17.21 4.55
N ILE A 82 -0.11 -16.97 4.56
CA ILE A 82 -0.83 -16.54 5.76
C ILE A 82 -2.31 -16.91 5.67
N SER A 9 -3.25 -11.53 -6.77
CA SER A 9 -3.10 -10.35 -5.94
C SER A 9 -1.62 -10.28 -5.51
N LYS A 10 -1.24 -9.52 -4.47
CA LYS A 10 0.16 -9.41 -4.13
C LYS A 10 0.20 -9.57 -2.66
N TRP A 11 1.30 -9.89 -2.09
CA TRP A 11 1.41 -9.79 -0.65
C TRP A 11 2.67 -8.97 -0.42
N ILE A 12 2.47 -7.67 -0.16
CA ILE A 12 3.54 -6.67 -0.06
C ILE A 12 3.44 -6.01 1.29
N LYS A 13 4.41 -5.20 1.67
CA LYS A 13 4.46 -4.70 3.01
C LYS A 13 4.07 -3.21 2.98
N PHE A 14 4.60 -2.40 3.89
CA PHE A 14 4.05 -1.09 4.08
C PHE A 14 4.86 -0.28 5.12
N THR A 15 4.16 0.65 5.71
CA THR A 15 4.46 1.42 6.89
C THR A 15 4.08 0.49 8.11
N THR A 16 4.88 0.44 9.18
CA THR A 16 4.52 -0.36 10.37
C THR A 16 4.79 0.58 11.58
N ASN A 17 4.19 1.74 11.50
CA ASN A 17 4.62 2.90 12.26
C ASN A 17 3.49 3.83 12.55
N LEU A 18 2.94 4.30 11.50
CA LEU A 18 1.90 5.27 11.52
C LEU A 18 0.57 4.64 11.57
N THR A 19 -0.32 5.42 12.09
CA THR A 19 -1.68 5.17 12.07
C THR A 19 -2.17 6.49 11.56
N PRO A 20 -2.00 6.70 10.27
CA PRO A 20 -2.05 7.98 9.71
C PRO A 20 -3.47 8.45 9.46
N GLU A 21 -3.59 9.49 8.73
CA GLU A 21 -4.84 9.94 8.33
C GLU A 21 -4.75 9.78 6.84
N GLU A 22 -5.79 9.36 6.20
CA GLU A 22 -5.79 8.94 4.79
C GLU A 22 -5.65 10.11 3.83
N ALA A 23 -4.94 11.09 4.26
CA ALA A 23 -4.68 12.26 3.45
C ALA A 23 -3.18 12.23 3.06
N LYS A 24 -2.32 11.77 4.00
CA LYS A 24 -0.87 11.66 3.74
C LYS A 24 -0.67 10.64 2.62
N ILE A 25 -1.06 9.38 2.87
CA ILE A 25 -1.08 8.29 1.89
C ILE A 25 -1.90 8.51 0.60
N VAL A 26 -2.88 9.43 0.60
CA VAL A 26 -3.86 9.51 -0.53
C VAL A 26 -3.21 9.65 -1.94
N GLN A 27 -1.97 10.13 -2.00
CA GLN A 27 -1.23 10.23 -3.29
C GLN A 27 -0.71 8.83 -3.80
N TYR A 28 -0.54 7.86 -2.92
CA TYR A 28 -0.25 6.47 -3.32
C TYR A 28 -1.45 5.96 -4.15
N GLU A 29 -2.62 5.92 -3.55
CA GLU A 29 -3.89 5.81 -4.29
C GLU A 29 -4.04 7.06 -5.19
N LEU A 30 -5.06 7.14 -6.03
CA LEU A 30 -5.31 8.32 -6.88
C LEU A 30 -4.37 8.43 -8.05
N SER A 31 -3.11 8.17 -7.85
CA SER A 31 -2.17 8.14 -8.94
C SER A 31 -2.45 6.95 -9.87
N THR A 32 -2.84 5.84 -9.28
CA THR A 32 -3.16 4.64 -10.00
C THR A 32 -4.69 4.53 -10.20
N ARG A 33 -5.38 4.10 -9.13
CA ARG A 33 -6.86 3.99 -9.04
C ARG A 33 -7.37 2.65 -9.59
N ASP A 34 -7.50 2.56 -10.90
CA ASP A 34 -8.05 1.38 -11.55
C ASP A 34 -7.26 0.09 -11.44
N GLU A 35 -7.94 -0.87 -10.81
CA GLU A 35 -7.54 -2.29 -10.68
C GLU A 35 -6.51 -2.50 -9.56
N PHE A 36 -6.02 -1.41 -9.08
CA PHE A 36 -5.28 -1.24 -7.86
C PHE A 36 -6.29 -1.00 -6.69
N TYR A 37 -7.57 -0.99 -7.05
CA TYR A 37 -8.70 -0.54 -6.21
C TYR A 37 -8.82 -1.15 -4.78
N ARG A 38 -8.79 -2.46 -4.65
CA ARG A 38 -9.03 -3.13 -3.34
C ARG A 38 -8.16 -2.65 -2.14
N VAL A 39 -6.94 -2.28 -2.39
CA VAL A 39 -6.02 -1.77 -1.34
C VAL A 39 -5.60 -2.81 -0.23
N PHE A 40 -6.43 -3.04 0.80
CA PHE A 40 -6.04 -3.78 2.06
C PHE A 40 -4.63 -3.48 2.61
N ILE A 41 -4.57 -2.51 3.48
CA ILE A 41 -3.34 -2.11 4.15
C ILE A 41 -3.59 -2.21 5.66
N ASN A 42 -2.57 -2.33 6.50
CA ASN A 42 -2.84 -2.37 7.92
C ASN A 42 -2.06 -1.28 8.63
N PRO A 43 -2.58 -0.07 8.66
CA PRO A 43 -1.90 1.07 9.23
C PRO A 43 -2.31 1.22 10.70
N TYR A 44 -2.44 0.11 11.36
CA TYR A 44 -2.92 0.11 12.69
C TYR A 44 -2.07 -0.80 13.55
N ALA A 45 -1.96 -2.06 13.13
CA ALA A 45 -1.31 -3.10 13.91
C ALA A 45 0.22 -3.07 13.90
N LYS A 46 0.86 -2.07 13.23
CA LYS A 46 2.32 -1.98 13.16
C LYS A 46 2.88 -3.14 12.36
N VAL A 47 2.07 -3.72 11.49
CA VAL A 47 2.45 -4.87 10.64
C VAL A 47 1.43 -5.03 9.53
N ALA A 48 1.51 -4.22 8.53
CA ALA A 48 0.66 -4.33 7.41
C ALA A 48 1.20 -5.26 6.35
N GLU A 49 0.28 -5.86 5.70
CA GLU A 49 0.47 -6.62 4.54
C GLU A 49 -0.52 -6.03 3.57
N VAL A 50 -0.12 -5.80 2.36
CA VAL A 50 -1.00 -5.19 1.40
C VAL A 50 -1.24 -6.17 0.29
N VAL A 51 -2.50 -6.54 0.13
CA VAL A 51 -2.87 -7.42 -0.95
C VAL A 51 -3.75 -6.66 -1.94
N ILE A 52 -3.22 -6.43 -3.13
CA ILE A 52 -3.92 -5.75 -4.20
C ILE A 52 -3.77 -6.54 -5.46
N ASP A 53 -4.77 -6.51 -6.29
CA ASP A 53 -4.71 -7.18 -7.59
C ASP A 53 -3.78 -6.48 -8.52
N ASP A 54 -3.74 -5.13 -8.38
CA ASP A 54 -2.96 -4.19 -9.21
C ASP A 54 -2.54 -4.73 -10.51
N SER A 55 -3.42 -4.55 -11.45
CA SER A 55 -3.15 -4.96 -12.78
C SER A 55 -2.92 -3.69 -13.61
N LYS A 56 -2.03 -2.94 -13.06
CA LYS A 56 -1.43 -1.77 -13.61
C LYS A 56 0.02 -2.20 -13.70
N VAL A 57 0.48 -2.75 -12.55
CA VAL A 57 1.68 -3.57 -12.42
C VAL A 57 2.82 -2.83 -11.77
N ASN A 58 2.62 -2.53 -10.48
CA ASN A 58 3.57 -1.93 -9.50
C ASN A 58 4.25 -0.60 -9.86
N ILE A 59 4.68 -0.44 -11.09
CA ILE A 59 5.47 0.70 -11.61
C ILE A 59 5.40 2.05 -10.81
N GLU A 60 4.29 2.81 -10.84
CA GLU A 60 4.26 4.03 -10.04
C GLU A 60 4.09 3.81 -8.54
N GLU A 61 3.40 2.76 -8.16
CA GLU A 61 3.20 2.50 -6.73
C GLU A 61 4.50 2.05 -6.03
N LEU A 62 5.34 1.35 -6.78
CA LEU A 62 6.67 0.95 -6.32
C LEU A 62 7.50 2.22 -6.14
N LYS A 63 7.29 3.14 -7.06
CA LYS A 63 7.89 4.48 -7.06
C LYS A 63 7.42 5.27 -5.85
N GLU A 64 6.16 5.24 -5.55
CA GLU A 64 5.70 5.89 -4.35
C GLU A 64 6.27 5.24 -3.07
N LYS A 65 6.52 3.91 -3.10
CA LYS A 65 7.19 3.18 -1.92
C LYS A 65 8.56 3.86 -1.62
N LEU A 66 9.11 4.47 -2.63
CA LEU A 66 10.40 5.18 -2.55
C LEU A 66 10.39 6.38 -1.60
N LYS A 67 9.23 6.79 -1.06
CA LYS A 67 9.25 7.81 0.04
C LYS A 67 10.11 7.22 1.18
N GLY A 68 9.93 5.92 1.44
CA GLY A 68 10.72 5.19 2.44
C GLY A 68 10.81 5.85 3.80
N GLU A 69 9.70 6.20 4.37
CA GLU A 69 9.69 6.80 5.69
C GLU A 69 8.98 5.77 6.48
N VAL A 70 9.01 5.77 7.84
CA VAL A 70 7.87 5.08 8.55
C VAL A 70 7.94 3.56 8.47
N ILE A 71 9.16 3.12 8.05
CA ILE A 71 9.58 1.71 7.91
C ILE A 71 9.05 1.14 6.55
N GLU A 72 8.79 2.07 5.65
CA GLU A 72 8.47 1.79 4.24
C GLU A 72 9.82 1.55 3.47
N GLU A 73 10.69 0.74 4.07
CA GLU A 73 12.02 0.41 3.50
C GLU A 73 11.90 -0.35 2.18
N LYS A 74 10.87 -1.15 2.10
CA LYS A 74 10.66 -2.07 1.00
C LYS A 74 9.34 -2.77 1.15
N GLU A 75 9.10 -3.72 0.29
CA GLU A 75 7.93 -4.51 0.34
C GLU A 75 8.33 -5.97 0.28
N ILE A 76 7.84 -6.76 1.22
CA ILE A 76 7.95 -8.22 1.17
C ILE A 76 7.72 -8.79 -0.22
N THR A 77 6.50 -8.80 -0.78
CA THR A 77 6.31 -9.30 -2.18
C THR A 77 6.52 -10.85 -2.29
N LEU A 78 7.49 -11.41 -1.60
CA LEU A 78 7.76 -12.83 -1.51
C LEU A 78 6.54 -13.69 -1.21
N GLN A 79 6.10 -13.72 0.05
CA GLN A 79 5.03 -14.62 0.41
C GLN A 79 4.44 -14.32 1.80
N GLU A 80 3.29 -14.91 1.98
CA GLU A 80 2.50 -14.95 3.14
C GLU A 80 2.96 -16.12 3.98
N LEU A 81 4.16 -16.13 4.50
CA LEU A 81 4.57 -17.35 5.14
C LEU A 81 5.12 -17.02 6.50
N ILE A 82 4.68 -17.72 7.50
CA ILE A 82 5.20 -17.56 8.85
C ILE A 82 4.58 -18.67 9.67
N SER A 9 -5.29 -5.83 -8.29
CA SER A 9 -4.90 -5.86 -6.90
C SER A 9 -3.41 -6.10 -6.80
N LYS A 10 -2.74 -5.32 -5.98
CA LYS A 10 -1.33 -5.39 -5.75
C LYS A 10 -1.04 -5.73 -4.34
N TRP A 11 0.19 -5.82 -3.99
CA TRP A 11 0.59 -6.03 -2.63
C TRP A 11 1.78 -5.19 -2.35
N ILE A 12 1.68 -4.29 -1.39
CA ILE A 12 2.83 -3.49 -0.92
C ILE A 12 2.74 -3.39 0.58
N LYS A 13 3.86 -3.28 1.24
CA LYS A 13 3.83 -3.05 2.64
C LYS A 13 4.51 -1.72 2.94
N PHE A 14 4.01 -1.09 3.93
CA PHE A 14 4.44 0.16 4.43
C PHE A 14 4.30 -0.02 5.91
N THR A 15 4.98 0.70 6.73
CA THR A 15 4.68 0.56 8.12
C THR A 15 4.34 1.90 8.75
N THR A 16 3.22 2.01 9.49
CA THR A 16 2.93 3.25 10.23
C THR A 16 2.36 3.06 11.63
N ASN A 17 3.00 3.68 12.65
CA ASN A 17 2.44 3.75 14.03
C ASN A 17 1.93 5.21 14.17
N LEU A 18 2.02 5.84 13.05
CA LEU A 18 1.63 7.21 12.80
C LEU A 18 0.26 7.10 12.23
N THR A 19 -0.46 8.18 12.09
CA THR A 19 -1.79 8.11 11.62
C THR A 19 -1.84 9.40 10.85
N PRO A 20 -1.38 10.55 11.49
CA PRO A 20 -0.92 11.65 10.72
C PRO A 20 0.36 11.18 10.00
N GLU A 21 0.31 11.27 8.70
CA GLU A 21 1.28 10.70 7.73
C GLU A 21 0.41 10.38 6.56
N GLU A 22 -0.18 9.17 6.51
CA GLU A 22 -1.07 8.80 5.43
C GLU A 22 -2.42 9.50 5.53
N ALA A 23 -2.55 10.39 6.48
CA ALA A 23 -3.75 11.17 6.61
C ALA A 23 -3.70 12.25 5.52
N LYS A 24 -2.48 12.61 5.19
CA LYS A 24 -2.16 13.63 4.21
C LYS A 24 -1.68 12.94 2.91
N ILE A 25 -0.65 12.10 3.09
CA ILE A 25 0.01 11.35 2.01
C ILE A 25 -0.98 10.48 1.20
N VAL A 26 -2.10 10.13 1.80
CA VAL A 26 -3.12 9.31 1.14
C VAL A 26 -3.61 9.94 -0.17
N GLN A 27 -3.51 11.27 -0.32
CA GLN A 27 -4.02 11.92 -1.53
C GLN A 27 -3.15 11.50 -2.72
N TYR A 28 -1.85 11.50 -2.51
CA TYR A 28 -0.89 10.95 -3.50
C TYR A 28 -1.22 9.50 -3.89
N GLU A 29 -1.41 8.64 -2.89
CA GLU A 29 -1.83 7.20 -3.09
C GLU A 29 -3.16 7.09 -3.93
N LEU A 30 -3.88 8.17 -3.86
CA LEU A 30 -5.23 8.36 -4.33
C LEU A 30 -5.22 9.04 -5.68
N SER A 31 -4.14 9.76 -5.99
CA SER A 31 -4.02 10.53 -7.23
C SER A 31 -4.30 9.71 -8.50
N THR A 32 -3.98 8.43 -8.45
CA THR A 32 -4.25 7.54 -9.56
C THR A 32 -5.76 7.19 -9.61
N ARG A 33 -6.59 8.15 -9.92
CA ARG A 33 -8.01 7.92 -10.00
C ARG A 33 -8.38 7.61 -11.42
N ASP A 34 -8.61 6.36 -11.64
CA ASP A 34 -9.17 5.88 -12.86
C ASP A 34 -10.07 4.73 -12.46
N GLU A 35 -9.65 3.49 -12.59
CA GLU A 35 -10.49 2.43 -12.01
C GLU A 35 -10.30 2.39 -10.48
N PHE A 36 -9.05 2.72 -10.05
CA PHE A 36 -8.55 2.73 -8.61
C PHE A 36 -9.56 2.09 -7.64
N TYR A 37 -9.38 0.86 -7.32
CA TYR A 37 -10.40 0.19 -6.60
C TYR A 37 -10.06 -0.13 -5.14
N ARG A 38 -9.74 -1.39 -4.81
CA ARG A 38 -9.53 -1.75 -3.42
C ARG A 38 -8.31 -1.04 -2.79
N VAL A 39 -8.46 -0.60 -1.55
CA VAL A 39 -7.42 0.07 -0.77
C VAL A 39 -7.36 -0.54 0.62
N PHE A 40 -6.16 -0.78 1.15
CA PHE A 40 -5.95 -1.23 2.54
C PHE A 40 -4.66 -0.59 3.02
N ILE A 41 -4.72 0.28 3.99
CA ILE A 41 -3.52 0.87 4.59
C ILE A 41 -3.68 0.81 6.09
N ASN A 42 -2.60 0.81 6.89
CA ASN A 42 -2.79 0.74 8.32
C ASN A 42 -2.00 1.78 9.07
N PRO A 43 -2.44 3.06 9.01
CA PRO A 43 -1.82 4.14 9.75
C PRO A 43 -2.37 4.08 11.15
N TYR A 44 -1.91 3.12 11.87
CA TYR A 44 -2.46 2.85 13.13
C TYR A 44 -1.41 2.67 14.18
N ALA A 45 -0.80 1.52 14.23
CA ALA A 45 0.16 1.21 15.24
C ALA A 45 1.17 0.23 14.74
N LYS A 46 1.97 0.67 13.77
CA LYS A 46 3.09 -0.04 13.20
C LYS A 46 2.61 -1.21 12.40
N VAL A 47 2.24 -0.94 11.14
CA VAL A 47 1.68 -1.98 10.31
C VAL A 47 1.23 -1.33 9.00
N ALA A 48 0.53 -2.09 8.21
CA ALA A 48 -0.01 -1.84 6.89
C ALA A 48 0.06 -3.17 6.21
N GLU A 49 -0.43 -3.20 5.02
CA GLU A 49 -0.63 -4.38 4.21
C GLU A 49 -1.52 -3.92 3.10
N VAL A 50 -0.96 -3.56 2.02
CA VAL A 50 -1.73 -2.88 1.05
C VAL A 50 -1.94 -3.77 -0.12
N VAL A 51 -3.17 -3.75 -0.56
CA VAL A 51 -3.61 -4.48 -1.70
C VAL A 51 -4.43 -3.46 -2.43
N ILE A 52 -3.90 -2.87 -3.46
CA ILE A 52 -4.59 -1.77 -4.09
C ILE A 52 -4.71 -2.00 -5.58
N ASP A 53 -5.89 -1.70 -6.11
CA ASP A 53 -6.15 -1.80 -7.53
C ASP A 53 -5.84 -0.46 -8.16
N ASP A 54 -4.89 -0.46 -9.05
CA ASP A 54 -4.29 0.69 -9.72
C ASP A 54 -4.16 0.38 -11.19
N SER A 55 -4.81 -0.76 -11.57
CA SER A 55 -4.59 -1.49 -12.83
C SER A 55 -4.09 -0.66 -14.04
N LYS A 56 -4.81 0.41 -14.38
CA LYS A 56 -4.39 1.42 -15.41
C LYS A 56 -2.88 1.39 -15.81
N VAL A 57 -1.97 2.05 -15.07
CA VAL A 57 -0.57 2.01 -15.53
C VAL A 57 0.51 1.44 -14.54
N ASN A 58 0.31 1.50 -13.22
CA ASN A 58 1.34 1.04 -12.21
C ASN A 58 2.63 1.87 -12.10
N ILE A 59 3.29 2.17 -13.23
CA ILE A 59 4.61 2.84 -13.24
C ILE A 59 4.61 4.19 -12.46
N GLU A 60 3.46 4.80 -12.34
CA GLU A 60 3.33 6.05 -11.66
C GLU A 60 3.46 5.94 -10.12
N GLU A 61 3.33 4.71 -9.58
CA GLU A 61 3.53 4.49 -8.14
C GLU A 61 4.94 4.88 -7.71
N LEU A 62 5.91 4.60 -8.57
CA LEU A 62 7.31 4.94 -8.30
C LEU A 62 7.45 6.45 -8.20
N LYS A 63 6.56 7.12 -8.89
CA LYS A 63 6.56 8.54 -8.98
C LYS A 63 6.03 9.19 -7.70
N GLU A 64 4.77 8.96 -7.32
CA GLU A 64 4.25 9.76 -6.22
C GLU A 64 4.77 9.36 -4.84
N LYS A 65 4.56 8.09 -4.51
CA LYS A 65 4.92 7.56 -3.24
C LYS A 65 6.40 7.24 -3.00
N LEU A 66 6.76 5.93 -3.02
CA LEU A 66 8.12 5.43 -2.71
C LEU A 66 8.54 6.01 -1.33
N LYS A 67 7.57 6.16 -0.41
CA LYS A 67 7.86 6.86 0.83
C LYS A 67 8.69 5.99 1.77
N GLY A 68 8.23 4.73 1.95
CA GLY A 68 8.86 3.74 2.83
C GLY A 68 9.28 4.24 4.21
N GLU A 69 8.40 4.14 5.20
CA GLU A 69 8.69 4.69 6.51
C GLU A 69 8.73 3.61 7.56
N VAL A 70 9.52 3.89 8.65
CA VAL A 70 9.51 3.11 9.86
C VAL A 70 10.36 1.82 9.75
N ILE A 71 11.33 1.83 8.80
CA ILE A 71 12.36 0.75 8.67
C ILE A 71 11.91 -0.46 7.74
N GLU A 72 10.74 -0.36 7.06
CA GLU A 72 10.37 -1.32 6.00
C GLU A 72 11.52 -1.76 5.03
N GLU A 73 11.99 -0.85 4.16
CA GLU A 73 13.06 -1.07 3.16
C GLU A 73 12.76 -2.29 2.25
N LYS A 74 11.50 -2.54 1.96
CA LYS A 74 11.18 -3.74 1.20
C LYS A 74 10.73 -3.48 -0.22
N GLU A 75 9.76 -2.60 -0.34
CA GLU A 75 9.03 -2.28 -1.61
C GLU A 75 8.47 -3.57 -2.30
N ILE A 76 7.18 -3.63 -2.44
CA ILE A 76 6.62 -4.76 -3.11
C ILE A 76 6.03 -4.36 -4.46
N THR A 77 4.75 -4.55 -4.68
CA THR A 77 4.15 -4.45 -6.02
C THR A 77 4.66 -5.66 -6.87
N LEU A 78 5.95 -5.74 -7.10
CA LEU A 78 6.62 -6.80 -7.82
C LEU A 78 6.09 -8.23 -7.52
N GLN A 79 6.44 -8.81 -6.36
CA GLN A 79 6.00 -10.16 -6.07
C GLN A 79 5.48 -10.38 -4.65
N GLU A 80 4.25 -10.89 -4.58
CA GLU A 80 3.67 -11.50 -3.41
C GLU A 80 4.53 -12.67 -2.94
N LEU A 81 5.55 -12.42 -2.17
CA LEU A 81 6.34 -13.49 -1.62
C LEU A 81 6.10 -13.63 -0.10
N ILE A 82 4.94 -13.20 0.34
CA ILE A 82 4.67 -13.12 1.76
C ILE A 82 3.37 -13.87 2.05
N SER A 9 -3.93 -9.48 -6.69
CA SER A 9 -3.71 -8.95 -5.37
C SER A 9 -2.35 -8.26 -5.43
N LYS A 10 -1.99 -7.48 -4.45
CA LYS A 10 -0.65 -7.00 -4.31
C LYS A 10 -0.44 -7.19 -2.88
N TRP A 11 0.66 -7.67 -2.48
CA TRP A 11 0.87 -7.78 -1.06
C TRP A 11 2.17 -7.02 -0.82
N ILE A 12 1.95 -5.81 -0.32
CA ILE A 12 2.95 -4.81 -0.10
C ILE A 12 2.98 -4.48 1.38
N LYS A 13 3.81 -3.54 1.75
CA LYS A 13 4.07 -3.19 3.12
C LYS A 13 4.02 -1.65 3.12
N PHE A 14 4.31 -0.97 4.27
CA PHE A 14 4.09 0.52 4.39
C PHE A 14 4.26 1.00 5.86
N THR A 15 3.49 1.97 6.23
CA THR A 15 3.50 2.69 7.48
C THR A 15 2.27 2.19 8.20
N THR A 16 2.27 1.98 9.50
CA THR A 16 1.06 1.46 10.08
C THR A 16 0.44 2.09 11.29
N ASN A 17 1.18 2.36 12.34
CA ASN A 17 0.51 2.75 13.61
C ASN A 17 0.23 4.26 13.68
N LEU A 18 0.45 4.95 12.61
CA LEU A 18 0.17 6.36 12.53
C LEU A 18 -1.19 6.48 11.88
N THR A 19 -1.65 7.68 11.70
CA THR A 19 -2.86 7.94 11.11
C THR A 19 -2.67 9.22 10.32
N PRO A 20 -1.86 10.25 10.84
CA PRO A 20 -1.57 11.41 10.05
C PRO A 20 -0.97 11.13 8.63
N GLU A 21 -0.02 10.20 8.52
CA GLU A 21 0.58 9.92 7.21
C GLU A 21 -0.46 9.26 6.33
N GLU A 22 -1.08 8.25 6.88
CA GLU A 22 -2.10 7.44 6.26
C GLU A 22 -3.31 8.29 5.81
N ALA A 23 -3.55 9.35 6.54
CA ALA A 23 -4.64 10.28 6.21
C ALA A 23 -4.34 11.00 4.91
N LYS A 24 -3.08 11.32 4.69
CA LYS A 24 -2.65 11.94 3.45
C LYS A 24 -2.85 10.99 2.29
N ILE A 25 -2.65 9.70 2.57
CA ILE A 25 -2.82 8.62 1.62
C ILE A 25 -4.25 8.48 1.18
N VAL A 26 -5.17 8.69 2.12
CA VAL A 26 -6.60 8.55 1.86
C VAL A 26 -7.05 9.51 0.76
N GLN A 27 -6.66 10.77 0.87
CA GLN A 27 -7.01 11.74 -0.14
C GLN A 27 -6.17 11.53 -1.39
N TYR A 28 -4.90 11.24 -1.15
CA TYR A 28 -3.93 11.01 -2.24
C TYR A 28 -4.48 9.95 -3.20
N GLU A 29 -5.03 8.87 -2.65
CA GLU A 29 -5.70 7.82 -3.40
C GLU A 29 -6.92 8.09 -4.24
N LEU A 30 -6.70 9.03 -5.05
CA LEU A 30 -7.47 9.46 -6.14
C LEU A 30 -6.64 9.27 -7.38
N SER A 31 -5.30 9.12 -7.20
CA SER A 31 -4.35 9.02 -8.31
C SER A 31 -4.65 7.83 -9.22
N THR A 32 -4.96 6.68 -8.63
CA THR A 32 -5.20 5.52 -9.40
C THR A 32 -6.62 5.53 -9.97
N ARG A 33 -7.57 5.11 -9.15
CA ARG A 33 -9.02 5.10 -9.47
C ARG A 33 -9.40 4.41 -10.79
N ASP A 34 -10.69 4.03 -10.86
CA ASP A 34 -11.35 3.42 -12.05
C ASP A 34 -10.65 2.10 -12.33
N GLU A 35 -10.31 1.47 -11.23
CA GLU A 35 -9.41 0.32 -11.19
C GLU A 35 -9.12 0.06 -9.71
N PHE A 36 -9.21 1.12 -8.94
CA PHE A 36 -8.99 1.09 -7.50
C PHE A 36 -10.27 0.68 -6.78
N TYR A 37 -10.27 -0.52 -6.28
CA TYR A 37 -11.35 -1.03 -5.48
C TYR A 37 -10.82 -1.80 -4.28
N ARG A 38 -10.32 -2.99 -4.55
CA ARG A 38 -9.82 -3.86 -3.46
C ARG A 38 -8.63 -3.22 -2.74
N VAL A 39 -8.89 -2.73 -1.53
CA VAL A 39 -7.90 -2.11 -0.64
C VAL A 39 -8.16 -2.59 0.78
N PHE A 40 -7.14 -3.02 1.51
CA PHE A 40 -7.27 -3.30 2.94
C PHE A 40 -6.00 -2.81 3.59
N ILE A 41 -6.16 -2.02 4.62
CA ILE A 41 -5.05 -1.57 5.46
C ILE A 41 -5.49 -1.78 6.89
N ASN A 42 -4.60 -2.11 7.79
CA ASN A 42 -4.99 -2.24 9.19
C ASN A 42 -4.05 -1.40 10.02
N PRO A 43 -4.34 -0.10 10.15
CA PRO A 43 -3.47 0.83 10.85
C PRO A 43 -3.45 0.60 12.35
N TYR A 44 -2.39 -0.05 12.85
CA TYR A 44 -2.18 -0.29 14.27
C TYR A 44 -0.84 -1.05 14.42
N ALA A 45 -0.62 -1.98 13.49
CA ALA A 45 0.50 -2.94 13.51
C ALA A 45 1.94 -2.39 13.30
N LYS A 46 2.11 -1.10 12.94
CA LYS A 46 3.46 -0.51 12.60
C LYS A 46 4.35 -1.44 11.71
N VAL A 47 3.81 -1.81 10.54
CA VAL A 47 4.39 -2.72 9.49
C VAL A 47 3.32 -2.98 8.42
N ALA A 48 2.44 -3.93 8.73
CA ALA A 48 1.21 -4.20 7.97
C ALA A 48 1.48 -4.88 6.70
N GLU A 49 0.42 -5.20 6.04
CA GLU A 49 0.42 -5.73 4.77
C GLU A 49 -0.68 -5.00 4.07
N VAL A 50 -0.45 -4.56 2.89
CA VAL A 50 -1.49 -3.85 2.20
C VAL A 50 -1.77 -4.55 0.89
N VAL A 51 -3.01 -4.90 0.71
CA VAL A 51 -3.46 -5.45 -0.51
C VAL A 51 -4.30 -4.40 -1.20
N ILE A 52 -3.84 -4.02 -2.33
CA ILE A 52 -4.52 -3.10 -3.19
C ILE A 52 -4.48 -3.65 -4.59
N ASP A 53 -5.61 -3.67 -5.24
CA ASP A 53 -5.65 -4.13 -6.63
C ASP A 53 -5.77 -3.02 -7.60
N ASP A 54 -5.73 -1.77 -7.09
CA ASP A 54 -5.57 -0.46 -7.83
C ASP A 54 -5.02 -0.51 -9.22
N SER A 55 -4.16 -1.45 -9.50
CA SER A 55 -3.46 -1.61 -10.74
C SER A 55 -2.73 -0.37 -11.27
N LYS A 56 -3.46 0.66 -11.80
CA LYS A 56 -2.89 1.84 -12.53
C LYS A 56 -1.46 1.56 -13.03
N VAL A 57 -0.46 1.95 -12.22
CA VAL A 57 0.93 1.58 -12.47
C VAL A 57 1.58 1.47 -11.08
N ASN A 58 2.28 0.38 -10.80
CA ASN A 58 2.91 0.17 -9.47
C ASN A 58 3.97 1.25 -9.14
N ILE A 59 4.65 1.70 -10.18
CA ILE A 59 5.73 2.70 -10.04
C ILE A 59 5.31 3.98 -9.23
N GLU A 60 4.03 4.43 -9.31
CA GLU A 60 3.58 5.59 -8.57
C GLU A 60 3.45 5.30 -7.08
N GLU A 61 2.92 4.12 -6.79
CA GLU A 61 2.76 3.59 -5.43
C GLU A 61 4.10 3.55 -4.72
N LEU A 62 5.08 3.16 -5.51
CA LEU A 62 6.45 3.02 -5.13
C LEU A 62 6.97 4.36 -4.62
N LYS A 63 6.47 5.42 -5.19
CA LYS A 63 6.90 6.74 -4.81
C LYS A 63 6.49 7.06 -3.36
N GLU A 64 5.27 6.71 -2.91
CA GLU A 64 4.88 7.11 -1.53
C GLU A 64 5.67 6.38 -0.42
N LYS A 65 5.87 5.07 -0.55
CA LYS A 65 6.62 4.25 0.45
C LYS A 65 8.10 4.71 0.62
N LEU A 66 8.59 5.28 -0.41
CA LEU A 66 9.91 5.92 -0.42
C LEU A 66 10.01 7.20 0.45
N LYS A 67 8.90 7.83 0.81
CA LYS A 67 8.96 9.06 1.62
C LYS A 67 9.28 8.88 3.14
N GLY A 68 8.36 8.21 3.87
CA GLY A 68 8.29 8.34 5.34
C GLY A 68 9.21 7.52 6.24
N GLU A 69 8.57 6.70 7.07
CA GLU A 69 9.18 5.98 8.23
C GLU A 69 10.38 5.18 7.74
N VAL A 70 11.42 5.04 8.62
CA VAL A 70 12.57 4.54 7.92
C VAL A 70 12.46 3.03 7.73
N ILE A 71 12.42 2.66 6.46
CA ILE A 71 12.45 1.28 5.94
C ILE A 71 11.09 0.96 5.29
N GLU A 72 10.23 1.98 5.26
CA GLU A 72 8.97 2.00 4.51
C GLU A 72 9.36 1.79 3.02
N GLU A 73 10.61 2.21 2.70
CA GLU A 73 11.23 2.09 1.38
C GLU A 73 11.40 0.63 0.90
N LYS A 74 11.36 -0.36 1.81
CA LYS A 74 11.68 -1.68 1.34
C LYS A 74 10.40 -2.36 1.06
N GLU A 75 10.23 -2.90 -0.10
CA GLU A 75 8.95 -3.36 -0.46
C GLU A 75 8.94 -4.81 -0.96
N ILE A 76 8.14 -5.63 -0.29
CA ILE A 76 7.79 -6.96 -0.73
C ILE A 76 7.18 -6.97 -2.16
N THR A 77 5.86 -6.79 -2.37
CA THR A 77 5.28 -6.82 -3.77
C THR A 77 5.38 -8.24 -4.46
N LEU A 78 6.39 -9.04 -4.14
CA LEU A 78 6.50 -10.44 -4.56
C LEU A 78 5.19 -11.22 -4.53
N GLN A 79 4.79 -11.65 -3.37
CA GLN A 79 3.65 -12.48 -3.23
C GLN A 79 2.90 -12.30 -1.93
N GLU A 80 1.65 -12.69 -1.99
CA GLU A 80 0.63 -12.72 -0.95
C GLU A 80 0.91 -13.85 0.08
N LEU A 81 2.13 -14.10 0.45
CA LEU A 81 2.36 -15.27 1.25
C LEU A 81 3.02 -14.86 2.55
N ILE A 82 2.80 -15.65 3.57
CA ILE A 82 3.44 -15.49 4.85
C ILE A 82 3.19 -16.75 5.66
N SER A 9 -6.42 -8.74 -6.79
CA SER A 9 -6.22 -8.42 -5.39
C SER A 9 -4.71 -8.57 -5.13
N LYS A 10 -4.16 -8.18 -3.95
CA LYS A 10 -2.73 -8.33 -3.64
C LYS A 10 -2.53 -8.25 -2.15
N TRP A 11 -1.36 -8.60 -1.73
CA TRP A 11 -0.88 -8.41 -0.39
C TRP A 11 0.54 -7.93 -0.56
N ILE A 12 0.70 -6.64 -0.36
CA ILE A 12 1.94 -5.92 -0.53
C ILE A 12 2.32 -5.23 0.79
N LYS A 13 3.34 -4.36 0.84
CA LYS A 13 3.92 -3.96 2.12
C LYS A 13 3.77 -2.44 2.37
N PHE A 14 3.84 -2.09 3.64
CA PHE A 14 3.62 -0.74 4.09
C PHE A 14 4.60 -0.29 5.18
N THR A 15 4.64 1.01 5.42
CA THR A 15 5.21 1.56 6.58
C THR A 15 3.99 2.00 7.34
N THR A 16 3.80 1.56 8.54
CA THR A 16 2.59 1.89 9.17
C THR A 16 2.84 2.57 10.49
N ASN A 17 2.17 3.68 10.76
CA ASN A 17 2.44 4.46 11.95
C ASN A 17 1.23 5.24 12.39
N LEU A 18 0.61 5.84 11.41
CA LEU A 18 -0.44 6.77 11.60
C LEU A 18 -1.82 6.15 11.47
N THR A 19 -2.63 6.56 12.37
CA THR A 19 -3.95 6.15 12.47
C THR A 19 -4.80 7.39 12.49
N PRO A 20 -4.54 8.37 13.40
CA PRO A 20 -5.32 9.52 13.40
C PRO A 20 -4.74 10.72 12.60
N GLU A 21 -5.23 10.86 11.36
CA GLU A 21 -4.93 11.98 10.44
C GLU A 21 -5.61 11.51 9.13
N GLU A 22 -5.28 12.18 8.02
CA GLU A 22 -5.92 11.99 6.72
C GLU A 22 -4.94 12.36 5.60
N ALA A 23 -3.65 12.41 5.87
CA ALA A 23 -2.74 12.83 4.83
C ALA A 23 -1.68 11.79 4.56
N LYS A 24 -0.95 11.42 5.60
CA LYS A 24 0.12 10.42 5.49
C LYS A 24 -0.37 9.02 5.08
N ILE A 25 -1.58 8.63 5.43
CA ILE A 25 -1.95 7.26 5.23
C ILE A 25 -3.09 7.27 4.20
N VAL A 26 -3.12 6.23 3.33
CA VAL A 26 -3.94 6.22 2.10
C VAL A 26 -3.37 7.41 1.31
N GLN A 27 -4.11 8.09 0.40
CA GLN A 27 -3.64 9.36 -0.21
C GLN A 27 -2.62 9.13 -1.34
N TYR A 28 -1.67 8.26 -1.09
CA TYR A 28 -0.67 7.92 -2.12
C TYR A 28 -1.37 7.46 -3.43
N GLU A 29 -2.35 6.59 -3.28
CA GLU A 29 -3.17 6.11 -4.40
C GLU A 29 -4.34 7.09 -4.57
N LEU A 30 -4.97 7.29 -3.45
CA LEU A 30 -6.22 8.02 -3.28
C LEU A 30 -6.14 9.50 -3.62
N SER A 31 -5.02 10.16 -3.61
CA SER A 31 -5.05 11.56 -4.01
C SER A 31 -5.29 11.66 -5.51
N THR A 32 -4.73 10.72 -6.27
CA THR A 32 -4.82 10.76 -7.69
C THR A 32 -6.17 10.20 -8.15
N ARG A 33 -6.34 8.87 -8.02
CA ARG A 33 -7.62 8.16 -8.21
C ARG A 33 -7.81 7.68 -9.64
N ASP A 34 -8.90 6.97 -9.85
CA ASP A 34 -9.31 6.33 -11.14
C ASP A 34 -8.35 5.22 -11.65
N GLU A 35 -7.10 5.25 -11.25
CA GLU A 35 -6.19 4.18 -11.64
C GLU A 35 -6.46 2.93 -10.80
N PHE A 36 -6.47 3.09 -9.49
CA PHE A 36 -6.72 2.02 -8.53
C PHE A 36 -8.16 1.52 -8.58
N TYR A 37 -8.35 0.26 -8.24
CA TYR A 37 -9.69 -0.29 -8.12
C TYR A 37 -10.11 -0.44 -6.65
N ARG A 38 -9.21 -1.00 -5.83
CA ARG A 38 -9.51 -1.28 -4.43
C ARG A 38 -8.24 -1.10 -3.62
N VAL A 39 -8.31 -0.34 -2.53
CA VAL A 39 -7.20 -0.18 -1.57
C VAL A 39 -7.81 -0.22 -0.17
N PHE A 40 -7.36 -1.12 0.71
CA PHE A 40 -7.84 -1.20 2.10
C PHE A 40 -6.72 -1.76 2.98
N ILE A 41 -6.39 -1.04 4.04
CA ILE A 41 -5.34 -1.43 4.98
C ILE A 41 -5.83 -1.15 6.40
N ASN A 42 -5.18 -1.71 7.43
CA ASN A 42 -5.45 -1.29 8.81
C ASN A 42 -4.23 -0.58 9.32
N PRO A 43 -4.30 0.74 9.45
CA PRO A 43 -3.14 1.54 9.82
C PRO A 43 -2.83 1.53 11.32
N TYR A 44 -1.81 0.74 11.71
CA TYR A 44 -1.25 0.68 13.07
C TYR A 44 -0.12 -0.37 13.11
N ALA A 45 -0.32 -1.43 12.35
CA ALA A 45 0.50 -2.67 12.42
C ALA A 45 2.00 -2.55 12.05
N LYS A 46 2.49 -1.35 11.57
CA LYS A 46 3.93 -1.21 11.10
C LYS A 46 4.12 -2.26 9.98
N VAL A 47 3.09 -2.34 9.13
CA VAL A 47 2.72 -3.42 8.18
C VAL A 47 1.17 -3.42 8.25
N ALA A 48 0.54 -4.57 7.97
CA ALA A 48 -0.94 -4.83 7.95
C ALA A 48 -1.16 -5.72 6.76
N GLU A 49 -2.27 -5.57 6.11
CA GLU A 49 -2.47 -6.20 4.88
C GLU A 49 -2.62 -5.05 3.93
N VAL A 50 -1.95 -5.05 2.84
CA VAL A 50 -2.19 -4.00 1.89
C VAL A 50 -2.65 -4.68 0.67
N VAL A 51 -3.94 -4.67 0.50
CA VAL A 51 -4.51 -5.22 -0.65
C VAL A 51 -4.81 -4.12 -1.63
N ILE A 52 -4.30 -4.27 -2.81
CA ILE A 52 -4.58 -3.39 -3.86
C ILE A 52 -4.95 -4.30 -5.02
N ASP A 53 -6.00 -3.96 -5.73
CA ASP A 53 -6.47 -4.82 -6.83
C ASP A 53 -5.77 -4.43 -8.13
N ASP A 54 -4.93 -3.40 -7.97
CA ASP A 54 -4.01 -2.80 -8.96
C ASP A 54 -4.70 -2.06 -10.08
N SER A 55 -5.73 -2.69 -10.68
CA SER A 55 -6.58 -2.10 -11.70
C SER A 55 -5.73 -1.68 -12.92
N LYS A 56 -6.05 -0.52 -13.57
CA LYS A 56 -5.34 0.01 -14.78
C LYS A 56 -3.93 -0.45 -14.98
N VAL A 57 -3.09 -0.03 -14.08
CA VAL A 57 -1.63 -0.13 -14.09
C VAL A 57 -1.30 0.58 -12.81
N ASN A 58 -0.74 -0.10 -11.87
CA ASN A 58 -0.51 0.51 -10.58
C ASN A 58 0.82 1.24 -10.49
N ILE A 59 1.52 1.34 -11.62
CA ILE A 59 2.89 1.88 -11.72
C ILE A 59 3.26 3.03 -10.72
N GLU A 60 2.53 4.15 -10.74
CA GLU A 60 2.81 5.28 -9.87
C GLU A 60 2.46 5.01 -8.40
N GLU A 61 1.35 4.32 -8.17
CA GLU A 61 0.95 4.01 -6.79
C GLU A 61 1.90 2.97 -6.21
N LEU A 62 2.40 2.13 -7.08
CA LEU A 62 3.41 1.15 -6.79
C LEU A 62 4.68 1.90 -6.38
N LYS A 63 4.96 2.99 -7.08
CA LYS A 63 6.11 3.86 -6.78
C LYS A 63 5.94 4.49 -5.40
N GLU A 64 4.76 4.98 -5.09
CA GLU A 64 4.51 5.53 -3.74
C GLU A 64 4.72 4.46 -2.65
N LYS A 65 4.34 3.24 -2.93
CA LYS A 65 4.62 2.15 -1.98
C LYS A 65 6.05 1.61 -1.99
N LEU A 66 6.81 1.90 -3.03
CA LEU A 66 8.27 1.70 -2.98
C LEU A 66 8.88 2.64 -2.00
N LYS A 67 8.35 3.83 -1.86
CA LYS A 67 8.91 4.66 -0.85
C LYS A 67 8.29 4.30 0.52
N GLY A 68 6.98 4.31 0.59
CA GLY A 68 6.32 4.07 1.85
C GLY A 68 6.05 5.40 2.52
N GLU A 69 6.94 5.80 3.41
CA GLU A 69 6.92 7.15 4.08
C GLU A 69 6.95 7.10 5.61
N VAL A 70 7.51 8.21 6.17
CA VAL A 70 8.22 8.22 7.49
C VAL A 70 8.77 6.82 7.87
N ILE A 71 10.06 6.62 7.68
CA ILE A 71 10.66 5.25 7.72
C ILE A 71 10.13 4.54 6.47
N GLU A 72 10.45 5.24 5.46
CA GLU A 72 10.26 4.86 4.09
C GLU A 72 11.23 3.67 3.80
N GLU A 73 10.75 2.70 3.04
CA GLU A 73 11.44 1.42 2.84
C GLU A 73 11.35 0.89 1.40
N LYS A 74 10.30 0.12 1.16
CA LYS A 74 10.08 -0.63 -0.07
C LYS A 74 8.83 -1.47 0.05
N GLU A 75 8.61 -2.41 -0.87
CA GLU A 75 7.43 -3.18 -0.85
C GLU A 75 7.68 -4.66 -1.21
N ILE A 76 6.95 -5.56 -0.58
CA ILE A 76 6.76 -6.84 -1.06
C ILE A 76 5.70 -6.65 -2.09
N THR A 77 5.96 -7.21 -3.14
CA THR A 77 5.30 -7.12 -4.41
C THR A 77 4.55 -8.42 -4.66
N LEU A 78 5.13 -9.55 -4.19
CA LEU A 78 4.64 -10.90 -4.39
C LEU A 78 3.13 -11.14 -4.44
N GLN A 79 2.56 -11.56 -3.34
CA GLN A 79 1.21 -11.99 -3.30
C GLN A 79 0.86 -12.22 -1.84
N GLU A 80 -0.24 -12.83 -1.63
CA GLU A 80 -0.68 -13.27 -0.37
C GLU A 80 -0.27 -14.69 -0.35
N LEU A 81 0.76 -15.14 0.30
CA LEU A 81 1.04 -16.53 0.10
C LEU A 81 1.53 -17.15 1.37
N ILE A 82 0.89 -18.19 1.80
CA ILE A 82 1.33 -18.92 2.97
C ILE A 82 0.59 -20.23 3.02
N SER A 9 -4.05 -9.37 -8.66
CA SER A 9 -3.67 -8.95 -7.31
C SER A 9 -2.48 -8.00 -7.45
N LYS A 10 -2.11 -7.30 -6.37
CA LYS A 10 -0.99 -6.39 -6.35
C LYS A 10 -0.66 -6.37 -4.91
N TRP A 11 0.49 -6.76 -4.52
CA TRP A 11 0.78 -6.95 -3.13
C TRP A 11 1.85 -6.01 -2.74
N ILE A 12 1.51 -5.11 -1.86
CA ILE A 12 2.46 -4.19 -1.29
C ILE A 12 2.32 -4.32 0.19
N LYS A 13 3.33 -3.95 0.93
CA LYS A 13 3.18 -3.90 2.32
C LYS A 13 2.96 -2.41 2.76
N PHE A 14 3.63 -1.96 3.79
CA PHE A 14 3.23 -0.68 4.34
C PHE A 14 4.26 -0.02 5.24
N THR A 15 3.90 1.18 5.69
CA THR A 15 4.46 1.74 6.87
C THR A 15 3.73 0.96 7.95
N THR A 16 4.39 0.29 8.83
CA THR A 16 3.70 -0.47 9.81
C THR A 16 4.00 0.20 11.14
N ASN A 17 3.22 1.20 11.52
CA ASN A 17 3.61 2.05 12.60
C ASN A 17 2.47 2.59 13.47
N LEU A 18 1.78 3.60 12.96
CA LEU A 18 0.81 4.33 13.74
C LEU A 18 -0.47 4.55 12.91
N THR A 19 -1.24 5.56 13.17
CA THR A 19 -2.46 5.72 12.49
C THR A 19 -2.39 7.05 11.85
N PRO A 20 -2.05 8.14 12.62
CA PRO A 20 -1.81 9.39 12.00
C PRO A 20 -0.70 9.31 10.91
N GLU A 21 0.26 8.43 11.09
CA GLU A 21 1.29 8.24 10.09
C GLU A 21 0.93 7.31 8.92
N GLU A 22 -0.24 6.64 8.93
CA GLU A 22 -0.54 5.71 7.81
C GLU A 22 -1.66 6.40 7.00
N ALA A 23 -1.68 7.70 7.23
CA ALA A 23 -2.63 8.70 6.75
C ALA A 23 -1.98 9.52 5.66
N LYS A 24 -0.70 9.31 5.44
CA LYS A 24 0.02 9.97 4.36
C LYS A 24 -0.59 9.63 3.00
N ILE A 25 -0.99 8.37 2.84
CA ILE A 25 -1.48 7.79 1.57
C ILE A 25 -2.60 8.61 0.85
N VAL A 26 -3.37 9.39 1.61
CA VAL A 26 -4.60 10.04 1.14
C VAL A 26 -4.46 10.81 -0.18
N GLN A 27 -3.49 11.65 -0.30
CA GLN A 27 -3.38 12.47 -1.52
C GLN A 27 -3.09 11.66 -2.82
N TYR A 28 -2.37 10.59 -2.72
CA TYR A 28 -1.91 9.86 -3.92
C TYR A 28 -3.06 9.14 -4.69
N GLU A 29 -3.57 8.06 -4.10
CA GLU A 29 -4.67 7.26 -4.66
C GLU A 29 -5.96 8.09 -4.80
N LEU A 30 -6.11 9.01 -3.94
CA LEU A 30 -7.23 9.92 -3.99
C LEU A 30 -7.08 10.91 -5.10
N SER A 31 -5.90 11.43 -5.40
CA SER A 31 -5.83 12.20 -6.66
C SER A 31 -6.24 11.33 -7.91
N THR A 32 -5.91 10.04 -7.90
CA THR A 32 -6.20 9.17 -9.05
C THR A 32 -7.67 8.66 -9.12
N ARG A 33 -8.39 8.87 -8.00
CA ARG A 33 -9.78 8.30 -7.62
C ARG A 33 -10.32 7.02 -8.35
N ASP A 34 -10.18 6.95 -9.66
CA ASP A 34 -10.76 5.87 -10.47
C ASP A 34 -10.17 4.53 -10.12
N GLU A 35 -8.86 4.43 -10.29
CA GLU A 35 -8.06 3.29 -9.86
C GLU A 35 -8.25 2.85 -8.42
N PHE A 36 -7.76 1.64 -8.20
CA PHE A 36 -7.59 0.98 -6.90
C PHE A 36 -8.77 0.11 -6.51
N TYR A 37 -9.85 0.73 -6.05
CA TYR A 37 -11.04 0.05 -5.51
C TYR A 37 -10.71 -0.95 -4.37
N ARG A 38 -10.23 -2.14 -4.75
CA ARG A 38 -9.76 -3.17 -3.81
C ARG A 38 -8.80 -2.55 -2.76
N VAL A 39 -9.22 -2.59 -1.52
CA VAL A 39 -8.48 -2.04 -0.38
C VAL A 39 -8.38 -3.12 0.70
N PHE A 40 -7.37 -3.00 1.54
CA PHE A 40 -7.02 -3.89 2.66
C PHE A 40 -6.25 -2.97 3.59
N ILE A 41 -6.41 -3.17 4.87
CA ILE A 41 -5.88 -2.26 5.88
C ILE A 41 -5.31 -3.04 7.06
N ASN A 42 -4.93 -2.27 8.09
CA ASN A 42 -4.41 -2.71 9.42
C ASN A 42 -3.79 -1.49 10.11
N PRO A 43 -4.58 -0.42 10.39
CA PRO A 43 -4.04 0.88 10.85
C PRO A 43 -3.34 0.82 12.21
N TYR A 44 -2.02 0.71 12.15
CA TYR A 44 -1.01 0.77 13.27
C TYR A 44 -0.71 -0.61 13.76
N ALA A 45 -1.40 -1.56 13.18
CA ALA A 45 -1.36 -2.94 13.61
C ALA A 45 -0.07 -3.66 13.24
N LYS A 46 0.92 -2.92 12.69
CA LYS A 46 2.27 -3.41 12.43
C LYS A 46 2.37 -4.54 11.38
N VAL A 47 1.40 -4.68 10.49
CA VAL A 47 1.43 -5.87 9.55
C VAL A 47 0.60 -5.69 8.26
N ALA A 48 0.27 -4.48 7.87
CA ALA A 48 -0.70 -4.25 6.81
C ALA A 48 -0.18 -4.47 5.40
N GLU A 49 -0.39 -5.66 4.86
CA GLU A 49 -0.30 -5.83 3.43
C GLU A 49 -1.55 -5.24 2.75
N VAL A 50 -1.38 -4.70 1.58
CA VAL A 50 -2.49 -4.14 0.84
C VAL A 50 -2.50 -4.68 -0.57
N VAL A 51 -3.42 -5.60 -0.80
CA VAL A 51 -3.72 -6.04 -2.11
C VAL A 51 -4.72 -5.07 -2.74
N ILE A 52 -4.33 -4.55 -3.83
CA ILE A 52 -5.09 -3.61 -4.60
C ILE A 52 -5.16 -4.21 -5.98
N ASP A 53 -6.22 -3.98 -6.71
CA ASP A 53 -6.34 -4.68 -7.96
C ASP A 53 -6.85 -3.84 -9.12
N ASP A 54 -8.10 -3.36 -8.97
CA ASP A 54 -8.97 -2.88 -10.04
C ASP A 54 -8.27 -2.28 -11.24
N SER A 55 -8.30 -1.02 -11.38
CA SER A 55 -7.70 -0.42 -12.56
C SER A 55 -6.19 -0.17 -12.55
N LYS A 56 -5.62 -0.59 -13.66
CA LYS A 56 -4.32 -0.22 -14.30
C LYS A 56 -3.21 -1.18 -14.02
N VAL A 57 -2.18 -1.14 -14.85
CA VAL A 57 -0.92 -1.78 -14.62
C VAL A 57 -0.33 -1.46 -13.25
N ASN A 58 0.32 -2.42 -12.65
CA ASN A 58 0.99 -2.25 -11.34
C ASN A 58 2.02 -1.10 -11.35
N ILE A 59 2.66 -0.85 -12.47
CA ILE A 59 3.66 0.20 -12.48
C ILE A 59 3.01 1.56 -12.88
N GLU A 60 3.50 2.59 -12.18
CA GLU A 60 3.02 4.01 -12.06
C GLU A 60 2.50 4.10 -10.65
N GLU A 61 1.68 3.14 -10.30
CA GLU A 61 1.30 2.87 -8.88
C GLU A 61 2.58 2.66 -8.08
N LEU A 62 3.57 2.08 -8.79
CA LEU A 62 4.95 1.86 -8.32
C LEU A 62 5.56 3.14 -7.73
N LYS A 63 4.97 4.28 -8.04
CA LYS A 63 5.40 5.51 -7.46
C LYS A 63 5.02 5.59 -5.97
N GLU A 64 3.71 5.56 -5.56
CA GLU A 64 3.51 5.64 -4.07
C GLU A 64 3.19 4.40 -3.23
N LYS A 65 2.66 3.29 -3.83
CA LYS A 65 2.49 1.97 -3.06
C LYS A 65 3.90 1.40 -2.68
N LEU A 66 4.82 2.13 -3.19
CA LEU A 66 6.21 2.20 -2.78
C LEU A 66 6.31 2.50 -1.23
N LYS A 67 5.16 2.77 -0.59
CA LYS A 67 4.95 2.99 0.84
C LYS A 67 6.08 2.56 1.81
N GLY A 68 6.15 1.24 2.19
CA GLY A 68 7.22 0.66 3.15
C GLY A 68 7.60 1.67 4.29
N GLU A 69 8.85 1.64 4.87
CA GLU A 69 9.47 2.77 5.66
C GLU A 69 8.79 3.61 6.72
N VAL A 70 9.70 4.29 7.45
CA VAL A 70 9.43 5.43 8.33
C VAL A 70 8.46 6.37 7.67
N ILE A 71 8.75 6.55 6.39
CA ILE A 71 7.98 7.28 5.47
C ILE A 71 7.66 6.41 4.28
N GLU A 72 8.48 6.39 3.24
CA GLU A 72 8.21 5.60 2.08
C GLU A 72 9.48 4.74 1.75
N GLU A 73 9.36 3.59 1.07
CA GLU A 73 10.55 2.79 0.67
C GLU A 73 10.35 2.22 -0.76
N LYS A 74 9.80 1.00 -0.86
CA LYS A 74 9.47 0.41 -2.14
C LYS A 74 8.33 -0.58 -2.04
N GLU A 75 7.70 -0.87 -3.16
CA GLU A 75 6.79 -1.95 -3.27
C GLU A 75 7.53 -3.02 -4.02
N ILE A 76 7.91 -4.07 -3.33
CA ILE A 76 8.70 -5.11 -3.93
C ILE A 76 7.99 -5.96 -5.03
N THR A 77 7.56 -7.16 -4.75
CA THR A 77 7.16 -8.08 -5.84
C THR A 77 6.47 -9.34 -5.39
N LEU A 78 7.24 -10.32 -4.88
CA LEU A 78 6.80 -11.70 -4.75
C LEU A 78 5.44 -11.88 -4.11
N GLN A 79 5.45 -11.65 -2.81
CA GLN A 79 4.44 -11.81 -1.81
C GLN A 79 5.20 -11.58 -0.53
N GLU A 80 4.68 -12.05 0.55
CA GLU A 80 5.55 -12.51 1.62
C GLU A 80 5.02 -13.90 1.86
N LEU A 81 5.75 -14.81 2.43
CA LEU A 81 5.29 -16.18 2.39
C LEU A 81 4.31 -16.49 3.48
N ILE A 82 3.05 -16.38 3.16
CA ILE A 82 1.99 -16.65 4.07
C ILE A 82 0.75 -16.89 3.24
#